data_1CLF
#
_entry.id   1CLF
#
_cell.length_a   1.000
_cell.length_b   1.000
_cell.length_c   1.000
_cell.angle_alpha   90.00
_cell.angle_beta   90.00
_cell.angle_gamma   90.00
#
_symmetry.space_group_name_H-M   'P 1'
#
loop_
_entity.id
_entity.type
_entity.pdbx_description
1 polymer FERREDOXIN
2 non-polymer 'IRON/SULFUR CLUSTER'
#
_entity_poly.entity_id   1
_entity_poly.type   'polypeptide(L)'
_entity_poly.pdbx_seq_one_letter_code
;AYKIADSCVSCGACASECPVNAISQGDSIFVIDADTCIDCGNCANVCPVGAPVQE
;
_entity_poly.pdbx_strand_id   A
#
loop_
_chem_comp.id
_chem_comp.type
_chem_comp.name
_chem_comp.formula
SF4 non-polymer 'IRON/SULFUR CLUSTER' 'Fe4 S4'
#
# COMPACT_ATOMS: atom_id res chain seq x y z
N ALA A 1 -5.82 -1.08 -9.07
CA ALA A 1 -4.83 -0.49 -8.18
C ALA A 1 -5.54 0.51 -7.27
N TYR A 2 -4.97 0.78 -6.10
CA TYR A 2 -5.51 1.65 -5.06
C TYR A 2 -4.39 2.60 -4.69
N LYS A 3 -4.53 3.16 -3.50
CA LYS A 3 -3.58 4.04 -2.92
C LYS A 3 -3.37 3.40 -1.56
N ILE A 4 -2.30 3.73 -0.87
CA ILE A 4 -2.33 3.65 0.55
C ILE A 4 -3.05 4.92 1.04
N ALA A 5 -4.33 4.85 1.40
CA ALA A 5 -5.04 6.06 1.80
C ALA A 5 -4.66 6.49 3.22
N ASP A 6 -5.18 7.66 3.61
CA ASP A 6 -4.92 8.35 4.86
C ASP A 6 -5.16 7.52 6.13
N SER A 7 -5.88 6.41 6.01
CA SER A 7 -5.93 5.41 7.08
C SER A 7 -4.52 5.00 7.54
N CYS A 8 -3.56 4.99 6.61
CA CYS A 8 -2.16 4.63 6.82
C CYS A 8 -1.50 5.48 7.92
N VAL A 9 -0.83 4.83 8.86
CA VAL A 9 0.24 5.43 9.64
C VAL A 9 1.52 4.89 9.02
N SER A 10 2.63 5.64 9.05
CA SER A 10 3.90 5.18 8.50
C SER A 10 4.48 4.01 9.30
N CYS A 11 3.86 2.83 9.21
CA CYS A 11 4.17 1.66 10.01
C CYS A 11 5.21 0.78 9.32
N GLY A 12 5.34 0.89 7.99
CA GLY A 12 6.36 0.20 7.21
C GLY A 12 5.93 -1.17 6.71
N ALA A 13 5.07 -1.88 7.45
CA ALA A 13 4.83 -3.32 7.28
C ALA A 13 3.89 -3.63 6.11
N CYS A 14 4.24 -3.17 4.90
CA CYS A 14 3.57 -3.53 3.66
C CYS A 14 4.50 -3.37 2.44
N ALA A 15 5.43 -2.40 2.47
CA ALA A 15 6.51 -2.24 1.49
C ALA A 15 7.08 -3.55 0.96
N SER A 16 7.63 -4.39 1.85
CA SER A 16 8.23 -5.66 1.51
C SER A 16 7.19 -6.75 1.22
N GLU A 17 5.94 -6.49 1.60
CA GLU A 17 4.87 -7.46 1.61
C GLU A 17 4.29 -7.58 0.21
N CYS A 18 4.28 -6.47 -0.53
CA CYS A 18 3.87 -6.45 -1.92
C CYS A 18 4.75 -7.40 -2.75
N PRO A 19 4.19 -8.40 -3.46
CA PRO A 19 4.98 -9.30 -4.28
C PRO A 19 5.84 -8.56 -5.30
N VAL A 20 5.36 -7.42 -5.81
CA VAL A 20 6.07 -6.63 -6.81
C VAL A 20 6.77 -5.44 -6.17
N ASN A 21 6.79 -5.35 -4.83
CA ASN A 21 7.43 -4.29 -4.05
C ASN A 21 7.04 -2.89 -4.56
N ALA A 22 5.80 -2.75 -5.02
CA ALA A 22 5.27 -1.56 -5.66
C ALA A 22 4.87 -0.51 -4.63
N ILE A 23 5.61 -0.39 -3.52
CA ILE A 23 5.24 0.42 -2.37
C ILE A 23 6.49 1.08 -1.78
N SER A 24 6.33 2.28 -1.23
CA SER A 24 7.32 3.06 -0.50
C SER A 24 6.61 4.24 0.17
N GLN A 25 7.31 5.03 1.00
CA GLN A 25 6.73 6.23 1.60
C GLN A 25 6.88 7.38 0.61
N GLY A 26 5.79 8.09 0.31
CA GLY A 26 5.72 8.93 -0.89
C GLY A 26 5.30 10.37 -0.61
N ASP A 27 4.05 10.59 -0.23
CA ASP A 27 3.42 11.90 -0.21
C ASP A 27 3.48 12.44 1.21
N SER A 28 3.02 11.65 2.16
CA SER A 28 3.39 11.71 3.55
C SER A 28 3.48 10.28 4.11
N ILE A 29 2.43 9.49 3.87
CA ILE A 29 2.29 8.15 4.39
C ILE A 29 2.86 7.14 3.39
N PHE A 30 2.49 5.85 3.49
CA PHE A 30 2.91 4.94 2.43
C PHE A 30 2.17 5.27 1.12
N VAL A 31 2.71 4.78 0.01
CA VAL A 31 2.32 5.09 -1.35
C VAL A 31 2.51 3.82 -2.18
N ILE A 32 1.89 3.77 -3.37
CA ILE A 32 1.91 2.63 -4.27
C ILE A 32 2.32 3.11 -5.66
N ASP A 33 3.16 2.37 -6.38
CA ASP A 33 3.37 2.56 -7.78
C ASP A 33 2.13 2.01 -8.48
N ALA A 34 1.03 2.76 -8.45
CA ALA A 34 -0.28 2.25 -8.88
C ALA A 34 -0.30 1.70 -10.30
N ASP A 35 0.52 2.30 -11.19
CA ASP A 35 0.87 1.79 -12.50
C ASP A 35 1.20 0.29 -12.47
N THR A 36 2.03 -0.04 -11.50
CA THR A 36 2.79 -1.27 -11.35
C THR A 36 2.08 -2.24 -10.38
N CYS A 37 1.34 -1.74 -9.38
CA CYS A 37 0.42 -2.59 -8.63
C CYS A 37 -0.52 -3.32 -9.61
N ILE A 38 -0.73 -4.62 -9.38
CA ILE A 38 -1.87 -5.35 -9.89
C ILE A 38 -2.77 -5.65 -8.69
N ASP A 39 -4.09 -5.51 -8.84
CA ASP A 39 -5.09 -5.67 -7.78
C ASP A 39 -5.09 -7.08 -7.19
N CYS A 40 -4.08 -7.40 -6.37
CA CYS A 40 -3.81 -8.76 -5.91
C CYS A 40 -4.40 -9.04 -4.52
N GLY A 41 -4.70 -7.99 -3.73
CA GLY A 41 -5.35 -8.14 -2.43
C GLY A 41 -4.35 -8.24 -1.28
N ASN A 42 -3.20 -8.88 -1.50
CA ASN A 42 -2.07 -8.72 -0.59
C ASN A 42 -1.75 -7.22 -0.48
N CYS A 43 -0.95 -6.82 0.51
CA CYS A 43 -0.99 -5.50 1.14
C CYS A 43 -2.33 -5.19 1.79
N ALA A 44 -3.46 -5.22 1.07
CA ALA A 44 -4.74 -4.87 1.67
C ALA A 44 -5.07 -5.84 2.80
N ASN A 45 -4.77 -7.12 2.56
CA ASN A 45 -4.89 -8.19 3.55
C ASN A 45 -4.01 -7.93 4.78
N VAL A 46 -2.80 -7.37 4.61
CA VAL A 46 -1.83 -7.31 5.69
C VAL A 46 -2.04 -6.07 6.55
N CYS A 47 -2.35 -4.94 5.92
CA CYS A 47 -2.38 -3.65 6.61
C CYS A 47 -3.30 -3.69 7.83
N PRO A 48 -2.78 -3.46 9.06
CA PRO A 48 -3.56 -3.48 10.29
C PRO A 48 -4.89 -2.72 10.20
N VAL A 49 -4.92 -1.61 9.46
CA VAL A 49 -6.07 -0.73 9.33
C VAL A 49 -6.63 -0.72 7.90
N GLY A 50 -6.24 -1.67 7.05
CA GLY A 50 -6.77 -1.78 5.68
C GLY A 50 -6.70 -0.46 4.92
N ALA A 51 -5.52 0.17 4.91
CA ALA A 51 -5.23 1.43 4.24
C ALA A 51 -4.97 1.32 2.74
N PRO A 52 -4.54 0.17 2.19
CA PRO A 52 -4.52 -0.05 0.75
C PRO A 52 -5.93 0.06 0.16
N VAL A 53 -6.35 1.31 -0.09
CA VAL A 53 -7.66 1.76 -0.51
C VAL A 53 -7.41 3.13 -1.12
N GLN A 54 -8.30 3.48 -2.05
CA GLN A 54 -7.96 4.14 -3.29
C GLN A 54 -7.96 5.66 -3.22
N GLU A 55 -7.10 6.26 -4.04
CA GLU A 55 -7.37 7.56 -4.66
C GLU A 55 -7.25 7.38 -6.17
FE1 SF4 B . 0.47 2.09 6.00
FE2 SF4 B . 1.43 0.15 7.58
FE3 SF4 B . 1.36 -0.19 4.97
FE4 SF4 B . -0.86 -0.16 6.39
S1 SF4 B . 0.75 -1.63 6.51
S2 SF4 B . -0.51 0.85 4.47
S3 SF4 B . -0.41 1.35 7.93
S4 SF4 B . 2.56 1.31 6.08
FE1 SF4 C . -0.88 -4.11 -5.42
FE2 SF4 C . -0.85 -6.56 -4.41
FE3 SF4 C . -0.82 -4.45 -2.82
FE4 SF4 C . 1.30 -5.07 -4.27
S1 SF4 C . 0.41 -6.25 -2.65
S2 SF4 C . 0.43 -3.05 -3.99
S3 SF4 C . 0.37 -5.82 -6.12
S4 SF4 C . -2.47 -5.06 -4.18
N ALA A 1 -5.93 -0.94 -9.70
CA ALA A 1 -5.05 -0.40 -8.66
C ALA A 1 -5.88 0.39 -7.66
N TYR A 2 -5.75 0.02 -6.38
CA TYR A 2 -6.11 0.86 -5.24
C TYR A 2 -5.00 1.88 -5.09
N LYS A 3 -4.88 2.44 -3.89
CA LYS A 3 -3.60 3.00 -3.54
C LYS A 3 -3.43 2.68 -2.07
N ILE A 4 -2.45 3.28 -1.44
CA ILE A 4 -2.47 3.46 -0.02
C ILE A 4 -3.38 4.67 0.25
N ALA A 5 -4.60 4.46 0.73
CA ALA A 5 -5.44 5.60 1.07
C ALA A 5 -4.97 6.22 2.40
N ASP A 6 -5.45 7.43 2.65
CA ASP A 6 -5.05 8.26 3.79
C ASP A 6 -5.22 7.57 5.15
N SER A 7 -5.98 6.48 5.22
CA SER A 7 -6.05 5.62 6.41
C SER A 7 -4.67 5.16 6.90
N CYS A 8 -3.68 5.10 6.01
CA CYS A 8 -2.30 4.69 6.29
C CYS A 8 -1.65 5.60 7.34
N VAL A 9 -0.55 5.14 7.96
CA VAL A 9 0.32 5.96 8.81
C VAL A 9 1.76 5.64 8.37
N SER A 10 2.76 6.35 8.89
CA SER A 10 4.17 6.00 8.68
C SER A 10 4.53 4.72 9.45
N CYS A 11 3.91 3.60 9.08
CA CYS A 11 4.20 2.25 9.52
C CYS A 11 5.01 1.58 8.39
N GLY A 12 5.42 0.31 8.52
CA GLY A 12 6.15 -0.36 7.46
C GLY A 12 5.90 -1.87 7.48
N ALA A 13 4.67 -2.27 7.79
CA ALA A 13 4.30 -3.67 7.89
C ALA A 13 4.07 -4.29 6.50
N CYS A 14 3.61 -3.50 5.53
CA CYS A 14 3.39 -3.97 4.16
C CYS A 14 4.73 -3.99 3.38
N ALA A 15 5.08 -2.98 2.58
CA ALA A 15 6.33 -2.89 1.82
C ALA A 15 6.72 -4.19 1.11
N SER A 16 7.61 -4.99 1.69
CA SER A 16 8.04 -6.31 1.22
C SER A 16 6.86 -7.20 0.85
N GLU A 17 5.74 -7.03 1.56
CA GLU A 17 4.49 -7.72 1.29
C GLU A 17 4.03 -7.56 -0.15
N CYS A 18 4.38 -6.47 -0.84
CA CYS A 18 3.99 -6.32 -2.24
C CYS A 18 4.78 -7.29 -3.12
N PRO A 19 4.14 -8.20 -3.87
CA PRO A 19 4.81 -9.07 -4.83
C PRO A 19 5.73 -8.29 -5.77
N VAL A 20 5.36 -7.07 -6.16
CA VAL A 20 6.16 -6.25 -7.06
C VAL A 20 6.96 -5.18 -6.29
N ASN A 21 6.93 -5.23 -4.96
CA ASN A 21 7.63 -4.34 -4.04
C ASN A 21 7.33 -2.86 -4.32
N ALA A 22 6.20 -2.57 -4.97
CA ALA A 22 5.94 -1.28 -5.57
C ALA A 22 5.28 -0.34 -4.56
N ILE A 23 5.89 -0.24 -3.37
CA ILE A 23 5.42 0.54 -2.24
C ILE A 23 6.63 1.26 -1.64
N SER A 24 6.43 2.47 -1.09
CA SER A 24 7.36 3.23 -0.29
C SER A 24 6.62 4.41 0.35
N GLN A 25 7.25 5.10 1.32
CA GLN A 25 6.71 6.31 1.91
C GLN A 25 6.81 7.43 0.87
N GLY A 26 5.67 7.96 0.45
CA GLY A 26 5.60 8.84 -0.71
C GLY A 26 5.75 10.30 -0.30
N ASP A 27 4.75 10.79 0.42
CA ASP A 27 4.68 12.18 0.84
C ASP A 27 4.77 12.19 2.36
N SER A 28 3.68 11.74 2.98
CA SER A 28 3.55 11.60 4.43
C SER A 28 3.56 10.11 4.77
N ILE A 29 2.56 9.38 4.24
CA ILE A 29 2.38 7.97 4.54
C ILE A 29 2.87 7.11 3.37
N PHE A 30 2.51 5.83 3.38
CA PHE A 30 2.91 4.94 2.29
C PHE A 30 2.12 5.28 1.03
N VAL A 31 2.71 4.93 -0.12
CA VAL A 31 2.25 5.21 -1.46
C VAL A 31 2.57 3.98 -2.30
N ILE A 32 1.85 3.77 -3.41
CA ILE A 32 2.02 2.66 -4.32
C ILE A 32 2.20 3.23 -5.72
N ASP A 33 3.00 2.58 -6.55
CA ASP A 33 3.00 2.82 -7.97
C ASP A 33 1.69 2.26 -8.53
N ALA A 34 0.60 3.04 -8.46
CA ALA A 34 -0.71 2.59 -8.92
C ALA A 34 -0.70 2.14 -10.39
N ASP A 35 0.19 2.73 -11.18
CA ASP A 35 0.59 2.28 -12.50
C ASP A 35 0.79 0.76 -12.55
N THR A 36 1.52 0.30 -11.54
CA THR A 36 2.15 -1.01 -11.46
C THR A 36 1.37 -1.97 -10.56
N CYS A 37 0.72 -1.50 -9.48
CA CYS A 37 -0.13 -2.36 -8.65
C CYS A 37 -1.17 -3.12 -9.49
N ILE A 38 -1.25 -4.45 -9.32
CA ILE A 38 -2.17 -5.34 -10.03
C ILE A 38 -3.30 -5.85 -9.11
N ASP A 39 -3.77 -5.00 -8.19
CA ASP A 39 -4.95 -5.22 -7.36
C ASP A 39 -4.95 -6.58 -6.65
N CYS A 40 -3.78 -7.06 -6.23
CA CYS A 40 -3.62 -8.44 -5.80
C CYS A 40 -4.14 -8.73 -4.37
N GLY A 41 -4.35 -7.68 -3.58
CA GLY A 41 -4.93 -7.78 -2.24
C GLY A 41 -3.91 -7.97 -1.10
N ASN A 42 -2.74 -8.57 -1.35
CA ASN A 42 -1.89 -9.04 -0.25
C ASN A 42 -1.55 -7.95 0.77
N CYS A 43 -1.07 -6.79 0.31
CA CYS A 43 -0.78 -5.67 1.19
C CYS A 43 -2.01 -5.31 2.03
N ALA A 44 -3.18 -5.23 1.39
CA ALA A 44 -4.44 -4.94 2.09
C ALA A 44 -4.71 -5.98 3.17
N ASN A 45 -4.40 -7.24 2.87
CA ASN A 45 -4.57 -8.34 3.82
C ASN A 45 -3.78 -8.10 5.10
N VAL A 46 -2.56 -7.56 5.02
CA VAL A 46 -1.74 -7.38 6.23
C VAL A 46 -2.13 -6.12 6.99
N CYS A 47 -2.41 -5.02 6.27
CA CYS A 47 -2.46 -3.70 6.88
C CYS A 47 -3.41 -3.64 8.08
N PRO A 48 -2.93 -3.27 9.29
CA PRO A 48 -3.74 -3.29 10.50
C PRO A 48 -4.98 -2.41 10.40
N VAL A 49 -4.94 -1.36 9.56
CA VAL A 49 -6.06 -0.44 9.36
C VAL A 49 -6.57 -0.47 7.91
N GLY A 50 -6.25 -1.53 7.15
CA GLY A 50 -6.77 -1.73 5.79
C GLY A 50 -6.69 -0.46 4.93
N ALA A 51 -5.49 0.11 4.82
CA ALA A 51 -5.19 1.32 4.09
C ALA A 51 -4.81 1.11 2.62
N PRO A 52 -4.24 -0.03 2.21
CA PRO A 52 -4.09 -0.36 0.81
C PRO A 52 -5.50 -0.56 0.20
N VAL A 53 -6.13 0.55 -0.16
CA VAL A 53 -7.51 0.71 -0.52
C VAL A 53 -7.56 2.03 -1.25
N GLN A 54 -8.60 2.11 -2.09
CA GLN A 54 -8.64 2.83 -3.34
C GLN A 54 -9.12 4.25 -3.16
N GLU A 55 -8.57 5.09 -4.04
CA GLU A 55 -9.05 6.42 -4.37
C GLU A 55 -8.37 6.73 -5.71
FE1 SF4 B . 0.34 1.97 5.71
FE2 SF4 B . 1.37 0.27 7.48
FE3 SF4 B . 1.28 -0.42 4.95
FE4 SF4 B . -0.93 -0.23 6.38
S1 SF4 B . 0.72 -1.67 6.66
S2 SF4 B . -0.63 0.54 4.36
S3 SF4 B . -0.48 1.48 7.71
S4 SF4 B . 2.45 1.23 5.84
FE1 SF4 C . -0.95 -3.91 -5.29
FE2 SF4 C . -0.74 -6.41 -4.42
FE3 SF4 C . -0.74 -4.42 -2.75
FE4 SF4 C . 1.34 -4.85 -4.33
S1 SF4 C . 0.55 -6.13 -2.72
S2 SF4 C . 0.40 -2.89 -3.88
S3 SF4 C . 0.30 -5.54 -6.17
S4 SF4 C . -2.41 -5.02 -4.04
N ALA A 1 -4.70 -1.31 -8.66
CA ALA A 1 -4.17 -0.49 -7.56
C ALA A 1 -5.28 0.31 -6.89
N TYR A 2 -5.37 0.21 -5.56
CA TYR A 2 -5.99 1.16 -4.65
C TYR A 2 -5.04 2.35 -4.55
N LYS A 3 -5.10 3.06 -3.44
CA LYS A 3 -3.85 3.65 -2.99
C LYS A 3 -3.71 3.09 -1.60
N ILE A 4 -2.64 3.47 -0.94
CA ILE A 4 -2.64 3.45 0.50
C ILE A 4 -3.26 4.77 0.98
N ALA A 5 -4.52 4.74 1.45
CA ALA A 5 -5.13 5.97 1.95
C ALA A 5 -4.65 6.36 3.35
N ASP A 6 -5.13 7.51 3.82
CA ASP A 6 -4.76 8.16 5.08
C ASP A 6 -4.71 7.25 6.29
N SER A 7 -5.56 6.21 6.31
CA SER A 7 -5.55 5.25 7.40
C SER A 7 -4.16 4.62 7.65
N CYS A 8 -3.24 4.74 6.68
CA CYS A 8 -1.90 4.19 6.68
C CYS A 8 -1.02 4.58 7.88
N VAL A 9 -1.15 5.78 8.44
CA VAL A 9 -0.24 6.26 9.48
C VAL A 9 1.18 6.60 8.99
N SER A 10 1.86 5.66 8.30
CA SER A 10 3.23 5.64 7.77
C SER A 10 3.98 4.36 8.20
N CYS A 11 3.27 3.23 8.41
CA CYS A 11 3.87 2.12 9.18
C CYS A 11 5.00 1.36 8.46
N GLY A 12 5.11 1.46 7.13
CA GLY A 12 6.15 0.81 6.35
C GLY A 12 5.77 -0.61 5.89
N ALA A 13 5.37 -1.46 6.83
CA ALA A 13 5.36 -2.92 6.70
C ALA A 13 5.09 -3.43 5.28
N CYS A 14 3.89 -3.14 4.76
CA CYS A 14 3.39 -3.72 3.52
C CYS A 14 4.31 -3.49 2.31
N ALA A 15 5.18 -2.47 2.35
CA ALA A 15 6.27 -2.31 1.39
C ALA A 15 6.96 -3.63 1.04
N SER A 16 7.29 -4.43 2.06
CA SER A 16 7.95 -5.72 1.86
C SER A 16 6.95 -6.82 1.51
N GLU A 17 5.69 -6.64 1.92
CA GLU A 17 4.64 -7.63 1.81
C GLU A 17 4.16 -7.75 0.36
N CYS A 18 4.16 -6.64 -0.39
CA CYS A 18 3.73 -6.65 -1.78
C CYS A 18 4.54 -7.66 -2.61
N PRO A 19 3.89 -8.63 -3.29
CA PRO A 19 4.54 -9.57 -4.19
C PRO A 19 5.56 -8.93 -5.12
N VAL A 20 5.27 -7.72 -5.61
CA VAL A 20 6.13 -7.03 -6.58
C VAL A 20 6.69 -5.71 -6.01
N ASN A 21 6.72 -5.56 -4.68
CA ASN A 21 7.32 -4.41 -4.00
C ASN A 21 6.95 -3.07 -4.66
N ALA A 22 5.65 -2.86 -4.91
CA ALA A 22 5.12 -1.70 -5.60
C ALA A 22 4.69 -0.62 -4.61
N ILE A 23 5.37 -0.51 -3.46
CA ILE A 23 4.99 0.39 -2.37
C ILE A 23 6.23 1.10 -1.86
N SER A 24 6.09 2.36 -1.43
CA SER A 24 7.07 3.17 -0.75
C SER A 24 6.40 4.43 -0.19
N GLN A 25 7.10 5.19 0.66
CA GLN A 25 6.55 6.37 1.29
C GLN A 25 6.49 7.50 0.27
N GLY A 26 5.31 8.09 0.07
CA GLY A 26 5.07 8.98 -1.05
C GLY A 26 5.14 10.45 -0.64
N ASP A 27 4.10 10.90 0.06
CA ASP A 27 3.94 12.29 0.48
C ASP A 27 4.31 12.33 1.95
N SER A 28 3.43 11.74 2.74
CA SER A 28 3.52 11.60 4.18
C SER A 28 3.64 10.12 4.48
N ILE A 29 2.61 9.37 4.10
CA ILE A 29 2.45 7.96 4.43
C ILE A 29 2.82 7.08 3.22
N PHE A 30 2.47 5.79 3.28
CA PHE A 30 2.81 4.91 2.17
C PHE A 30 1.92 5.17 0.97
N VAL A 31 2.47 4.88 -0.20
CA VAL A 31 1.93 5.12 -1.51
C VAL A 31 2.28 3.89 -2.33
N ILE A 32 1.54 3.69 -3.43
CA ILE A 32 1.66 2.55 -4.31
C ILE A 32 2.18 3.06 -5.65
N ASP A 33 3.21 2.43 -6.22
CA ASP A 33 3.67 2.67 -7.55
C ASP A 33 2.60 2.09 -8.47
N ALA A 34 1.50 2.80 -8.69
CA ALA A 34 0.28 2.20 -9.25
C ALA A 34 0.49 1.50 -10.59
N ASP A 35 1.37 2.02 -11.44
CA ASP A 35 1.75 1.42 -12.71
C ASP A 35 2.42 0.06 -12.48
N THR A 36 3.17 -0.06 -11.38
CA THR A 36 3.91 -1.23 -10.97
C THR A 36 3.01 -2.21 -10.20
N CYS A 37 2.12 -1.73 -9.32
CA CYS A 37 1.07 -2.57 -8.75
C CYS A 37 0.18 -3.08 -9.88
N ILE A 38 -0.40 -4.27 -9.71
CA ILE A 38 -1.46 -4.77 -10.57
C ILE A 38 -2.78 -4.33 -9.93
N ASP A 39 -3.57 -5.28 -9.43
CA ASP A 39 -4.55 -5.06 -8.39
C ASP A 39 -4.67 -6.40 -7.68
N CYS A 40 -4.56 -6.44 -6.35
CA CYS A 40 -4.51 -7.69 -5.61
C CYS A 40 -4.85 -7.45 -4.14
N GLY A 41 -5.22 -8.49 -3.40
CA GLY A 41 -5.71 -8.34 -2.04
C GLY A 41 -4.57 -8.14 -1.04
N ASN A 42 -3.38 -8.66 -1.35
CA ASN A 42 -2.32 -8.94 -0.39
C ASN A 42 -2.06 -7.79 0.58
N CYS A 43 -1.66 -6.62 0.08
CA CYS A 43 -1.34 -5.50 0.97
C CYS A 43 -2.57 -5.12 1.80
N ALA A 44 -3.76 -5.09 1.19
CA ALA A 44 -4.97 -4.78 1.92
C ALA A 44 -5.18 -5.79 3.05
N ASN A 45 -4.88 -7.07 2.78
CA ASN A 45 -5.01 -8.13 3.76
C ASN A 45 -3.98 -7.99 4.88
N VAL A 46 -2.71 -7.70 4.59
CA VAL A 46 -1.70 -7.63 5.64
C VAL A 46 -1.91 -6.41 6.52
N CYS A 47 -2.32 -5.27 5.93
CA CYS A 47 -2.29 -3.98 6.62
C CYS A 47 -3.03 -4.01 7.97
N PRO A 48 -2.34 -3.76 9.09
CA PRO A 48 -2.92 -3.75 10.43
C PRO A 48 -4.28 -3.05 10.54
N VAL A 49 -4.47 -1.95 9.80
CA VAL A 49 -5.71 -1.17 9.84
C VAL A 49 -6.34 -1.02 8.45
N GLY A 50 -6.06 -1.93 7.52
CA GLY A 50 -6.72 -1.96 6.22
C GLY A 50 -6.73 -0.61 5.52
N ALA A 51 -5.53 -0.08 5.22
CA ALA A 51 -5.28 1.22 4.62
C ALA A 51 -4.97 1.20 3.12
N PRO A 52 -4.49 0.09 2.52
CA PRO A 52 -4.54 -0.10 1.08
C PRO A 52 -6.00 -0.09 0.64
N VAL A 53 -6.49 1.11 0.32
CA VAL A 53 -7.87 1.46 0.08
C VAL A 53 -7.77 2.73 -0.74
N GLN A 54 -8.76 2.80 -1.65
CA GLN A 54 -8.65 3.35 -2.97
C GLN A 54 -9.00 4.82 -3.06
N GLU A 55 -8.09 5.51 -3.74
CA GLU A 55 -8.27 6.77 -4.41
C GLU A 55 -7.05 6.81 -5.33
FE1 SF4 B . 0.44 1.75 5.63
FE2 SF4 B . 1.51 -0.10 7.14
FE3 SF4 B . 1.16 -0.57 4.59
FE4 SF4 B . -0.86 -0.49 6.20
S1 SF4 B . 0.77 -1.95 6.26
S2 SF4 B . -0.73 0.51 4.23
S3 SF4 B . -0.28 1.05 7.61
S4 SF4 B . 2.49 0.94 5.46
FE1 SF4 C . -0.68 -3.99 -5.52
FE2 SF4 C . -1.05 -6.37 -4.47
FE3 SF4 C . -0.87 -4.32 -2.91
FE4 SF4 C . 1.27 -5.14 -4.23
S1 SF4 C . 0.18 -6.21 -2.66
S2 SF4 C . 0.59 -3.05 -3.98
S3 SF4 C . 0.34 -5.85 -6.12
S4 SF4 C . -2.44 -4.68 -4.39
N ALA A 1 -4.32 -1.97 -6.42
CA ALA A 1 -3.86 -0.57 -6.49
C ALA A 1 -4.64 0.24 -5.48
N TYR A 2 -5.92 0.57 -5.72
CA TYR A 2 -6.63 1.39 -4.73
C TYR A 2 -5.86 2.69 -4.66
N LYS A 3 -5.66 3.16 -3.46
CA LYS A 3 -4.32 3.64 -3.18
C LYS A 3 -4.04 3.24 -1.75
N ILE A 4 -3.04 3.84 -1.15
CA ILE A 4 -3.00 3.92 0.28
C ILE A 4 -3.93 5.06 0.71
N ALA A 5 -5.09 4.77 1.31
CA ALA A 5 -5.90 5.85 1.88
C ALA A 5 -5.31 6.34 3.20
N ASP A 6 -5.77 7.52 3.60
CA ASP A 6 -5.28 8.28 4.76
C ASP A 6 -5.40 7.52 6.08
N SER A 7 -6.14 6.40 6.10
CA SER A 7 -6.09 5.45 7.19
C SER A 7 -4.66 5.01 7.53
N CYS A 8 -3.77 5.00 6.53
CA CYS A 8 -2.36 4.63 6.66
C CYS A 8 -1.64 5.53 7.67
N VAL A 9 -0.54 5.03 8.24
CA VAL A 9 0.44 5.82 8.97
C VAL A 9 1.81 5.40 8.43
N SER A 10 2.87 6.14 8.75
CA SER A 10 4.24 5.84 8.37
C SER A 10 4.76 4.55 9.03
N CYS A 11 4.17 3.40 8.71
CA CYS A 11 4.32 2.15 9.45
C CYS A 11 5.19 1.12 8.72
N GLY A 12 5.12 1.09 7.39
CA GLY A 12 5.94 0.26 6.52
C GLY A 12 5.80 -1.25 6.76
N ALA A 13 4.70 -1.69 7.36
CA ALA A 13 4.44 -3.10 7.64
C ALA A 13 4.03 -3.84 6.36
N CYS A 14 3.40 -3.14 5.41
CA CYS A 14 3.15 -3.68 4.07
C CYS A 14 4.45 -3.58 3.26
N ALA A 15 4.59 -2.70 2.26
CA ALA A 15 5.84 -2.40 1.58
C ALA A 15 6.51 -3.68 1.05
N SER A 16 7.51 -4.18 1.75
CA SER A 16 8.18 -5.45 1.53
C SER A 16 7.20 -6.58 1.19
N GLU A 17 6.02 -6.56 1.81
CA GLU A 17 4.95 -7.52 1.62
C GLU A 17 4.61 -7.69 0.12
N CYS A 18 4.56 -6.57 -0.62
CA CYS A 18 3.98 -6.55 -1.96
C CYS A 18 4.73 -7.51 -2.88
N PRO A 19 4.07 -8.48 -3.54
CA PRO A 19 4.71 -9.38 -4.48
C PRO A 19 5.65 -8.69 -5.49
N VAL A 20 5.31 -7.46 -5.91
CA VAL A 20 6.13 -6.71 -6.85
C VAL A 20 6.87 -5.54 -6.18
N ASN A 21 6.79 -5.42 -4.85
CA ASN A 21 7.42 -4.35 -4.06
C ASN A 21 7.14 -2.97 -4.67
N ALA A 22 5.92 -2.76 -5.19
CA ALA A 22 5.52 -1.55 -5.88
C ALA A 22 5.08 -0.45 -4.90
N ILE A 23 5.69 -0.40 -3.72
CA ILE A 23 5.30 0.46 -2.61
C ILE A 23 6.54 1.16 -2.07
N SER A 24 6.37 2.36 -1.51
CA SER A 24 7.34 3.03 -0.68
C SER A 24 6.65 4.18 0.06
N GLN A 25 7.35 4.86 0.98
CA GLN A 25 6.79 5.99 1.69
C GLN A 25 6.81 7.20 0.76
N GLY A 26 5.64 7.83 0.56
CA GLY A 26 5.47 8.83 -0.48
C GLY A 26 5.61 10.24 0.06
N ASP A 27 4.53 10.76 0.62
CA ASP A 27 4.40 12.15 1.03
C ASP A 27 4.63 12.23 2.54
N SER A 28 3.91 11.37 3.27
CA SER A 28 3.87 11.28 4.70
C SER A 28 3.82 9.79 5.04
N ILE A 29 2.80 9.13 4.51
CA ILE A 29 2.54 7.72 4.74
C ILE A 29 2.94 6.90 3.51
N PHE A 30 2.45 5.65 3.42
CA PHE A 30 2.85 4.80 2.32
C PHE A 30 2.09 5.12 1.03
N VAL A 31 2.69 4.76 -0.10
CA VAL A 31 2.27 5.10 -1.45
C VAL A 31 2.66 3.94 -2.38
N ILE A 32 2.00 3.84 -3.54
CA ILE A 32 2.05 2.72 -4.47
C ILE A 32 2.31 3.25 -5.88
N ASP A 33 2.98 2.49 -6.73
CA ASP A 33 2.87 2.66 -8.16
C ASP A 33 1.62 1.90 -8.60
N ALA A 34 0.58 2.58 -9.09
CA ALA A 34 -0.61 1.88 -9.56
C ALA A 34 -0.35 1.10 -10.84
N ASP A 35 0.44 1.66 -11.76
CA ASP A 35 0.79 1.05 -13.03
C ASP A 35 1.52 -0.26 -12.78
N THR A 36 2.37 -0.26 -11.75
CA THR A 36 3.17 -1.40 -11.34
C THR A 36 2.31 -2.37 -10.51
N CYS A 37 1.44 -1.86 -9.64
CA CYS A 37 0.56 -2.72 -8.84
C CYS A 37 -0.36 -3.54 -9.75
N ILE A 38 -0.15 -4.87 -9.79
CA ILE A 38 -0.99 -5.79 -10.56
C ILE A 38 -2.29 -6.11 -9.80
N ASP A 39 -2.98 -5.07 -9.29
CA ASP A 39 -4.17 -5.10 -8.43
C ASP A 39 -4.47 -6.46 -7.79
N CYS A 40 -3.56 -6.91 -6.91
CA CYS A 40 -3.59 -8.26 -6.35
C CYS A 40 -4.28 -8.32 -4.99
N GLY A 41 -4.66 -7.19 -4.41
CA GLY A 41 -5.28 -7.11 -3.09
C GLY A 41 -4.30 -7.26 -1.92
N ASN A 42 -3.28 -8.12 -2.06
CA ASN A 42 -2.62 -8.77 -0.94
C ASN A 42 -2.24 -7.85 0.23
N CYS A 43 -1.53 -6.74 -0.05
CA CYS A 43 -1.10 -5.72 0.91
C CYS A 43 -2.24 -5.30 1.85
N ALA A 44 -3.47 -5.20 1.33
CA ALA A 44 -4.64 -4.83 2.12
C ALA A 44 -4.82 -5.73 3.34
N ASN A 45 -4.47 -7.02 3.23
CA ASN A 45 -4.68 -7.98 4.31
C ASN A 45 -3.77 -7.67 5.50
N VAL A 46 -2.50 -7.38 5.24
CA VAL A 46 -1.52 -7.25 6.32
C VAL A 46 -1.75 -5.97 7.11
N CYS A 47 -2.25 -4.93 6.43
CA CYS A 47 -2.32 -3.60 7.02
C CYS A 47 -3.11 -3.57 8.33
N PRO A 48 -2.48 -3.18 9.46
CA PRO A 48 -3.12 -3.06 10.76
C PRO A 48 -4.51 -2.43 10.73
N VAL A 49 -4.70 -1.42 9.88
CA VAL A 49 -5.93 -0.64 9.80
C VAL A 49 -6.53 -0.63 8.38
N GLY A 50 -6.21 -1.63 7.55
CA GLY A 50 -6.81 -1.80 6.23
C GLY A 50 -6.83 -0.50 5.41
N ALA A 51 -5.63 0.00 5.07
CA ALA A 51 -5.40 1.28 4.41
C ALA A 51 -5.03 1.20 2.92
N PRO A 52 -4.50 0.09 2.38
CA PRO A 52 -4.47 -0.15 0.95
C PRO A 52 -5.91 -0.27 0.45
N VAL A 53 -6.54 0.87 0.20
CA VAL A 53 -7.95 1.07 0.00
C VAL A 53 -8.06 2.42 -0.68
N GLN A 54 -9.14 2.51 -1.46
CA GLN A 54 -9.21 3.21 -2.71
C GLN A 54 -9.65 4.66 -2.59
N GLU A 55 -9.15 5.44 -3.54
CA GLU A 55 -9.79 6.67 -4.01
C GLU A 55 -9.74 6.56 -5.54
FE1 SF4 B . 0.18 2.07 5.77
FE2 SF4 B . 1.27 0.36 7.44
FE3 SF4 B . 1.05 -0.27 4.90
FE4 SF4 B . -1.06 -0.15 6.43
S1 SF4 B . 0.61 -1.56 6.61
S2 SF4 B . -0.87 0.71 4.40
S3 SF4 B . -0.56 1.53 7.78
S4 SF4 B . 2.28 1.34 5.76
FE1 SF4 C . -0.70 -4.11 -5.56
FE2 SF4 C . -0.71 -6.54 -4.59
FE3 SF4 C . -0.75 -4.48 -2.97
FE4 SF4 C . 1.42 -5.06 -4.34
S1 SF4 C . 0.48 -6.27 -2.79
S2 SF4 C . 0.53 -3.04 -4.08
S3 SF4 C . 0.55 -5.80 -6.24
S4 SF4 C . -2.31 -5.05 -4.39
N ALA A 1 -5.56 -2.12 -8.83
CA ALA A 1 -4.76 -1.31 -7.91
C ALA A 1 -5.66 -0.40 -7.09
N TYR A 2 -5.13 0.07 -5.98
CA TYR A 2 -5.70 1.03 -5.04
C TYR A 2 -4.71 2.17 -4.95
N LYS A 3 -4.76 2.93 -3.87
CA LYS A 3 -3.52 3.40 -3.33
C LYS A 3 -3.48 2.80 -1.95
N ILE A 4 -2.42 3.09 -1.21
CA ILE A 4 -2.55 3.19 0.21
C ILE A 4 -3.16 4.57 0.48
N ALA A 5 -4.43 4.63 0.90
CA ALA A 5 -5.06 5.92 1.15
C ALA A 5 -4.58 6.55 2.45
N ASP A 6 -5.01 7.78 2.68
CA ASP A 6 -4.64 8.61 3.82
C ASP A 6 -4.76 7.88 5.15
N SER A 7 -5.70 6.93 5.27
CA SER A 7 -5.91 6.14 6.49
C SER A 7 -4.74 5.21 6.88
N CYS A 8 -3.56 5.37 6.29
CA CYS A 8 -2.39 4.52 6.40
C CYS A 8 -1.66 4.67 7.74
N VAL A 9 -0.96 5.78 7.98
CA VAL A 9 0.12 5.95 8.96
C VAL A 9 1.40 5.28 8.48
N SER A 10 2.55 5.95 8.66
CA SER A 10 3.87 5.59 8.17
C SER A 10 4.43 4.28 8.77
N CYS A 11 3.73 3.15 8.64
CA CYS A 11 3.98 1.94 9.41
C CYS A 11 4.96 0.98 8.71
N GLY A 12 5.18 1.14 7.40
CA GLY A 12 6.26 0.48 6.68
C GLY A 12 5.89 -0.89 6.14
N ALA A 13 5.49 -1.80 7.03
CA ALA A 13 5.40 -3.25 6.82
C ALA A 13 5.10 -3.68 5.38
N CYS A 14 3.97 -3.19 4.85
CA CYS A 14 3.43 -3.65 3.59
C CYS A 14 4.33 -3.39 2.37
N ALA A 15 5.28 -2.44 2.44
CA ALA A 15 6.32 -2.26 1.43
C ALA A 15 6.89 -3.60 0.95
N SER A 16 7.44 -4.36 1.90
CA SER A 16 8.04 -5.66 1.64
C SER A 16 7.02 -6.72 1.24
N GLU A 17 5.79 -6.58 1.72
CA GLU A 17 4.71 -7.53 1.51
C GLU A 17 4.31 -7.61 0.05
N CYS A 18 4.41 -6.48 -0.67
CA CYS A 18 3.99 -6.46 -2.06
C CYS A 18 4.84 -7.39 -2.93
N PRO A 19 4.23 -8.37 -3.65
CA PRO A 19 4.91 -9.20 -4.61
C PRO A 19 5.90 -8.46 -5.50
N VAL A 20 5.57 -7.23 -5.91
CA VAL A 20 6.40 -6.45 -6.83
C VAL A 20 7.00 -5.21 -6.16
N ASN A 21 6.96 -5.13 -4.82
CA ASN A 21 7.44 -3.98 -4.05
C ASN A 21 6.98 -2.65 -4.66
N ALA A 22 5.71 -2.57 -5.06
CA ALA A 22 5.12 -1.38 -5.68
C ALA A 22 4.63 -0.41 -4.61
N ILE A 23 5.36 -0.30 -3.49
CA ILE A 23 5.02 0.52 -2.34
C ILE A 23 6.28 1.22 -1.87
N SER A 24 6.14 2.42 -1.29
CA SER A 24 7.15 3.08 -0.51
C SER A 24 6.51 4.23 0.29
N GLN A 25 7.34 4.88 1.12
CA GLN A 25 6.97 6.02 1.93
C GLN A 25 6.83 7.17 0.94
N GLY A 26 5.59 7.54 0.62
CA GLY A 26 5.35 8.35 -0.56
C GLY A 26 5.65 9.80 -0.27
N ASP A 27 4.86 10.39 0.62
CA ASP A 27 5.05 11.75 1.09
C ASP A 27 5.27 11.64 2.59
N SER A 28 4.17 11.43 3.31
CA SER A 28 4.12 11.31 4.76
C SER A 28 3.84 9.87 5.17
N ILE A 29 2.84 9.24 4.56
CA ILE A 29 2.52 7.84 4.79
C ILE A 29 3.02 6.98 3.63
N PHE A 30 2.63 5.71 3.58
CA PHE A 30 2.99 4.86 2.45
C PHE A 30 2.03 5.09 1.29
N VAL A 31 2.53 4.93 0.07
CA VAL A 31 1.82 5.06 -1.18
C VAL A 31 2.11 3.82 -2.01
N ILE A 32 1.26 3.52 -3.01
CA ILE A 32 1.45 2.45 -3.98
C ILE A 32 1.79 3.09 -5.32
N ASP A 33 2.72 2.51 -6.09
CA ASP A 33 2.92 2.83 -7.47
C ASP A 33 1.74 2.23 -8.22
N ALA A 34 0.57 2.85 -8.16
CA ALA A 34 -0.70 2.24 -8.59
C ALA A 34 -0.70 1.77 -10.04
N ASP A 35 0.03 2.47 -10.91
CA ASP A 35 0.40 2.07 -12.25
C ASP A 35 0.90 0.63 -12.30
N THR A 36 1.80 0.36 -11.36
CA THR A 36 2.69 -0.79 -11.30
C THR A 36 2.10 -1.88 -10.38
N CYS A 37 1.34 -1.54 -9.34
CA CYS A 37 0.44 -2.52 -8.73
C CYS A 37 -0.51 -3.05 -9.81
N ILE A 38 -0.74 -4.37 -9.83
CA ILE A 38 -1.78 -4.97 -10.65
C ILE A 38 -3.11 -4.79 -9.91
N ASP A 39 -3.61 -5.85 -9.26
CA ASP A 39 -4.51 -5.79 -8.14
C ASP A 39 -4.35 -7.12 -7.44
N CYS A 40 -4.25 -7.15 -6.11
CA CYS A 40 -4.04 -8.39 -5.38
C CYS A 40 -4.39 -8.18 -3.90
N GLY A 41 -4.30 -9.23 -3.09
CA GLY A 41 -4.76 -9.21 -1.72
C GLY A 41 -3.73 -8.67 -0.74
N ASN A 42 -2.46 -9.05 -0.90
CA ASN A 42 -1.58 -9.19 0.26
C ASN A 42 -1.51 -7.92 1.11
N CYS A 43 -1.07 -6.81 0.53
CA CYS A 43 -0.96 -5.55 1.27
C CYS A 43 -2.27 -5.19 1.96
N ALA A 44 -3.39 -5.32 1.24
CA ALA A 44 -4.70 -5.02 1.79
C ALA A 44 -5.01 -5.93 2.97
N ASN A 45 -4.63 -7.21 2.88
CA ASN A 45 -4.85 -8.17 3.94
C ASN A 45 -3.96 -7.89 5.15
N VAL A 46 -2.67 -7.58 4.95
CA VAL A 46 -1.78 -7.37 6.09
C VAL A 46 -2.16 -6.10 6.86
N CYS A 47 -2.51 -5.04 6.13
CA CYS A 47 -2.54 -3.69 6.71
C CYS A 47 -3.41 -3.64 7.99
N PRO A 48 -2.83 -3.28 9.15
CA PRO A 48 -3.54 -3.18 10.41
C PRO A 48 -4.90 -2.47 10.33
N VAL A 49 -4.99 -1.43 9.50
CA VAL A 49 -6.19 -0.60 9.36
C VAL A 49 -6.76 -0.64 7.95
N GLY A 50 -6.36 -1.62 7.12
CA GLY A 50 -6.93 -1.81 5.79
C GLY A 50 -6.93 -0.52 4.94
N ALA A 51 -5.78 0.15 4.87
CA ALA A 51 -5.57 1.41 4.16
C ALA A 51 -5.23 1.26 2.67
N PRO A 52 -4.75 0.10 2.16
CA PRO A 52 -4.73 -0.20 0.74
C PRO A 52 -6.14 -0.11 0.16
N VAL A 53 -6.54 1.10 -0.23
CA VAL A 53 -7.87 1.51 -0.64
C VAL A 53 -7.61 2.81 -1.38
N GLN A 54 -8.55 3.05 -2.31
CA GLN A 54 -8.32 3.57 -3.64
C GLN A 54 -8.24 5.10 -3.70
N GLU A 55 -7.48 5.56 -4.70
CA GLU A 55 -7.87 6.67 -5.57
C GLU A 55 -7.75 6.07 -6.97
FE1 SF4 B . 0.22 1.94 5.67
FE2 SF4 B . 1.23 0.11 7.30
FE3 SF4 B . 1.09 -0.38 4.74
FE4 SF4 B . -1.08 -0.28 6.19
S1 SF4 B . 0.55 -1.75 6.36
S2 SF4 B . -0.80 0.64 4.22
S3 SF4 B . -0.58 1.29 7.63
S4 SF4 B . 2.31 1.18 5.71
FE1 SF4 C . -0.85 -4.24 -5.41
FE2 SF4 C . -0.82 -6.66 -4.32
FE3 SF4 C . -0.80 -4.56 -2.78
FE4 SF4 C . 1.32 -5.14 -4.25
S1 SF4 C . 0.47 -6.32 -2.60
S2 SF4 C . 0.42 -3.14 -3.98
S3 SF4 C . 0.36 -5.97 -6.08
S4 SF4 C . -2.42 -5.16 -4.15
N ALA A 1 -5.40 -1.92 -9.05
CA ALA A 1 -4.63 -1.23 -8.01
C ALA A 1 -5.60 -0.38 -7.20
N TYR A 2 -5.37 -0.32 -5.89
CA TYR A 2 -6.04 0.61 -4.98
C TYR A 2 -5.27 1.92 -5.00
N LYS A 3 -5.41 2.71 -3.95
CA LYS A 3 -4.26 3.48 -3.53
C LYS A 3 -3.86 2.87 -2.20
N ILE A 4 -2.76 3.33 -1.64
CA ILE A 4 -2.71 3.39 -0.20
C ILE A 4 -3.50 4.65 0.19
N ALA A 5 -4.70 4.50 0.75
CA ALA A 5 -5.44 5.67 1.22
C ALA A 5 -4.88 6.20 2.53
N ASP A 6 -5.29 7.43 2.85
CA ASP A 6 -4.81 8.22 3.98
C ASP A 6 -5.02 7.54 5.34
N SER A 7 -5.86 6.50 5.40
CA SER A 7 -5.94 5.64 6.57
C SER A 7 -4.58 5.03 6.95
N CYS A 8 -3.65 4.92 5.99
CA CYS A 8 -2.29 4.46 6.18
C CYS A 8 -1.60 5.28 7.28
N VAL A 9 -0.60 4.70 7.95
CA VAL A 9 0.29 5.37 8.88
C VAL A 9 1.70 5.04 8.36
N SER A 10 2.73 5.75 8.82
CA SER A 10 4.09 5.48 8.41
C SER A 10 4.63 4.18 9.02
N CYS A 11 4.00 3.03 8.73
CA CYS A 11 4.32 1.73 9.30
C CYS A 11 5.28 0.93 8.41
N GLY A 12 5.21 1.12 7.09
CA GLY A 12 6.15 0.57 6.12
C GLY A 12 5.95 -0.90 5.81
N ALA A 13 5.43 -1.70 6.75
CA ALA A 13 5.41 -3.16 6.69
C ALA A 13 5.04 -3.72 5.32
N CYS A 14 3.95 -3.21 4.73
CA CYS A 14 3.45 -3.76 3.48
C CYS A 14 4.42 -3.58 2.29
N ALA A 15 5.46 -2.76 2.41
CA ALA A 15 6.56 -2.74 1.45
C ALA A 15 7.02 -4.12 1.03
N SER A 16 7.58 -4.89 1.97
CA SER A 16 8.13 -6.20 1.68
C SER A 16 7.04 -7.22 1.33
N GLU A 17 5.85 -7.03 1.89
CA GLU A 17 4.69 -7.86 1.64
C GLU A 17 4.30 -7.86 0.17
N CYS A 18 4.39 -6.70 -0.49
CA CYS A 18 3.92 -6.58 -1.85
C CYS A 18 4.74 -7.43 -2.82
N PRO A 19 4.13 -8.39 -3.54
CA PRO A 19 4.79 -9.18 -4.56
C PRO A 19 5.66 -8.36 -5.52
N VAL A 20 5.22 -7.15 -5.89
CA VAL A 20 5.92 -6.34 -6.89
C VAL A 20 6.67 -5.16 -6.26
N ASN A 21 6.64 -5.02 -4.93
CA ASN A 21 7.23 -3.88 -4.22
C ASN A 21 6.82 -2.54 -4.88
N ALA A 22 5.50 -2.30 -4.98
CA ALA A 22 4.98 -1.05 -5.52
C ALA A 22 5.20 0.11 -4.54
N ILE A 23 5.31 -0.21 -3.24
CA ILE A 23 5.33 0.72 -2.11
C ILE A 23 6.59 1.60 -2.10
N SER A 24 6.46 2.81 -1.57
CA SER A 24 7.48 3.64 -0.97
C SER A 24 6.81 4.72 -0.11
N GLN A 25 7.52 5.39 0.79
CA GLN A 25 6.91 6.44 1.58
C GLN A 25 6.75 7.66 0.68
N GLY A 26 5.50 8.11 0.49
CA GLY A 26 5.19 9.07 -0.57
C GLY A 26 5.39 10.49 -0.07
N ASP A 27 4.53 10.89 0.88
CA ASP A 27 4.52 12.23 1.45
C ASP A 27 4.87 12.08 2.93
N SER A 28 3.90 11.54 3.68
CA SER A 28 4.01 11.26 5.09
C SER A 28 3.98 9.75 5.30
N ILE A 29 2.92 9.11 4.80
CA ILE A 29 2.72 7.68 4.94
C ILE A 29 3.12 6.94 3.65
N PHE A 30 2.76 5.67 3.54
CA PHE A 30 3.15 4.86 2.40
C PHE A 30 2.21 5.05 1.23
N VAL A 31 2.77 4.97 0.02
CA VAL A 31 2.14 5.21 -1.25
C VAL A 31 2.74 4.18 -2.22
N ILE A 32 2.05 3.89 -3.32
CA ILE A 32 2.39 2.86 -4.25
C ILE A 32 2.50 3.44 -5.65
N ASP A 33 3.36 2.86 -6.49
CA ASP A 33 3.18 2.95 -7.91
C ASP A 33 1.89 2.20 -8.24
N ALA A 34 0.74 2.88 -8.30
CA ALA A 34 -0.49 2.19 -8.64
C ALA A 34 -0.44 1.55 -10.03
N ASP A 35 0.34 2.12 -10.95
CA ASP A 35 0.59 1.55 -12.26
C ASP A 35 1.32 0.21 -12.16
N THR A 36 2.23 0.10 -11.19
CA THR A 36 3.04 -1.09 -10.94
C THR A 36 2.21 -2.10 -10.15
N CYS A 37 1.46 -1.66 -9.13
CA CYS A 37 0.49 -2.55 -8.47
C CYS A 37 -0.45 -3.12 -9.55
N ILE A 38 -0.68 -4.43 -9.53
CA ILE A 38 -1.67 -5.05 -10.40
C ILE A 38 -3.05 -4.80 -9.78
N ASP A 39 -3.63 -5.81 -9.13
CA ASP A 39 -4.69 -5.68 -8.15
C ASP A 39 -4.64 -7.00 -7.38
N CYS A 40 -4.42 -6.98 -6.06
CA CYS A 40 -4.14 -8.20 -5.32
C CYS A 40 -4.45 -8.01 -3.83
N GLY A 41 -4.41 -9.10 -3.06
CA GLY A 41 -4.89 -9.09 -1.69
C GLY A 41 -3.86 -8.58 -0.69
N ASN A 42 -2.58 -8.96 -0.85
CA ASN A 42 -1.71 -9.13 0.30
C ASN A 42 -1.63 -7.90 1.19
N CYS A 43 -1.23 -6.75 0.62
CA CYS A 43 -1.11 -5.53 1.41
C CYS A 43 -2.43 -5.20 2.11
N ALA A 44 -3.56 -5.30 1.40
CA ALA A 44 -4.87 -5.02 1.97
C ALA A 44 -5.15 -5.96 3.13
N ASN A 45 -4.78 -7.25 2.97
CA ASN A 45 -4.93 -8.25 4.01
C ASN A 45 -4.08 -7.91 5.24
N VAL A 46 -2.80 -7.58 5.07
CA VAL A 46 -1.94 -7.32 6.23
C VAL A 46 -2.34 -6.05 6.96
N CYS A 47 -2.68 -4.98 6.22
CA CYS A 47 -2.71 -3.64 6.78
C CYS A 47 -3.63 -3.55 8.00
N PRO A 48 -3.11 -3.21 9.20
CA PRO A 48 -3.90 -3.21 10.43
C PRO A 48 -5.08 -2.25 10.36
N VAL A 49 -4.99 -1.21 9.54
CA VAL A 49 -6.04 -0.21 9.36
C VAL A 49 -6.58 -0.23 7.92
N GLY A 50 -6.40 -1.33 7.20
CA GLY A 50 -7.01 -1.57 5.88
C GLY A 50 -6.93 -0.35 4.95
N ALA A 51 -5.73 0.20 4.81
CA ALA A 51 -5.46 1.41 4.06
C ALA A 51 -5.18 1.19 2.57
N PRO A 52 -4.69 0.02 2.11
CA PRO A 52 -4.65 -0.32 0.69
C PRO A 52 -6.07 -0.40 0.15
N VAL A 53 -6.61 0.75 -0.23
CA VAL A 53 -7.99 1.03 -0.56
C VAL A 53 -7.93 2.39 -1.24
N GLN A 54 -9.00 2.59 -2.03
CA GLN A 54 -8.95 2.90 -3.44
C GLN A 54 -8.92 4.41 -3.73
N GLU A 55 -8.37 4.76 -4.90
CA GLU A 55 -8.59 5.96 -5.65
C GLU A 55 -9.61 5.62 -6.76
FE1 SF4 B . 0.34 1.84 5.41
FE2 SF4 B . 1.43 0.00 7.01
FE3 SF4 B . 1.10 -0.51 4.47
FE4 SF4 B . -0.99 -0.31 6.07
S1 SF4 B . 0.58 -1.85 6.14
S2 SF4 B . -0.79 0.56 4.04
S3 SF4 B . -0.33 1.27 7.45
S4 SF4 B . 2.42 1.02 5.32
FE1 SF4 C . -0.85 -4.10 -5.21
FE2 SF4 C . -0.86 -6.54 -4.21
FE3 SF4 C . -0.88 -4.51 -2.61
FE4 SF4 C . 1.28 -5.04 -4.02
S1 SF4 C . 0.38 -6.28 -2.43
S2 SF4 C . 0.38 -3.05 -3.70
S3 SF4 C . 0.39 -5.80 -5.89
S4 SF4 C . -2.45 -5.05 -4.03
N ALA A 1 -6.13 -0.70 -8.41
CA ALA A 1 -4.85 -0.62 -7.68
C ALA A 1 -5.07 -0.40 -6.18
N TYR A 2 -6.22 0.16 -5.78
CA TYR A 2 -6.35 0.87 -4.52
C TYR A 2 -5.49 2.12 -4.59
N LYS A 3 -5.40 2.87 -3.51
CA LYS A 3 -4.11 3.45 -3.20
C LYS A 3 -3.87 3.04 -1.78
N ILE A 4 -2.75 3.40 -1.18
CA ILE A 4 -2.71 3.47 0.25
C ILE A 4 -3.38 4.80 0.65
N ALA A 5 -4.60 4.74 1.21
CA ALA A 5 -5.29 5.92 1.70
C ALA A 5 -4.74 6.38 3.05
N ASP A 6 -5.20 7.57 3.46
CA ASP A 6 -4.87 8.28 4.69
C ASP A 6 -4.96 7.42 5.96
N SER A 7 -5.75 6.35 5.95
CA SER A 7 -5.76 5.39 7.06
C SER A 7 -4.35 4.85 7.37
N CYS A 8 -3.44 4.88 6.39
CA CYS A 8 -2.04 4.52 6.53
C CYS A 8 -1.35 5.36 7.61
N VAL A 9 -0.79 4.73 8.65
CA VAL A 9 -0.10 5.46 9.72
C VAL A 9 1.39 5.64 9.40
N SER A 10 1.78 5.56 8.11
CA SER A 10 3.17 5.61 7.67
C SER A 10 3.99 4.51 8.35
N CYS A 11 3.39 3.34 8.56
CA CYS A 11 3.99 2.31 9.39
C CYS A 11 5.13 1.60 8.66
N GLY A 12 6.10 1.06 9.38
CA GLY A 12 7.21 0.33 8.76
C GLY A 12 6.81 -1.10 8.44
N ALA A 13 5.75 -1.28 7.64
CA ALA A 13 5.31 -2.58 7.14
C ALA A 13 4.79 -2.41 5.71
N CYS A 14 4.00 -3.37 5.23
CA CYS A 14 3.78 -3.57 3.81
C CYS A 14 5.05 -3.38 2.95
N ALA A 15 5.13 -2.46 1.98
CA ALA A 15 6.28 -2.36 1.10
C ALA A 15 6.65 -3.73 0.51
N SER A 16 7.73 -4.36 0.99
CA SER A 16 8.16 -5.68 0.57
C SER A 16 7.11 -6.78 0.77
N GLU A 17 6.08 -6.56 1.60
CA GLU A 17 4.96 -7.49 1.66
C GLU A 17 4.25 -7.59 0.30
N CYS A 18 4.27 -6.53 -0.51
CA CYS A 18 3.76 -6.58 -1.88
C CYS A 18 4.57 -7.60 -2.67
N PRO A 19 3.92 -8.56 -3.37
CA PRO A 19 4.57 -9.50 -4.27
C PRO A 19 5.69 -8.89 -5.12
N VAL A 20 5.56 -7.62 -5.54
CA VAL A 20 6.60 -6.96 -6.34
C VAL A 20 7.06 -5.63 -5.73
N ASN A 21 6.96 -5.46 -4.41
CA ASN A 21 7.45 -4.29 -3.68
C ASN A 21 6.98 -2.96 -4.32
N ALA A 22 5.73 -2.92 -4.79
CA ALA A 22 5.17 -1.79 -5.52
C ALA A 22 4.67 -0.69 -4.58
N ILE A 23 5.35 -0.52 -3.43
CA ILE A 23 4.98 0.39 -2.37
C ILE A 23 6.26 0.94 -1.77
N SER A 24 6.21 2.16 -1.21
CA SER A 24 7.17 2.75 -0.33
C SER A 24 6.54 3.97 0.37
N GLN A 25 7.26 4.58 1.32
CA GLN A 25 6.90 5.83 1.94
C GLN A 25 6.90 6.89 0.84
N GLY A 26 5.78 7.59 0.64
CA GLY A 26 5.60 8.59 -0.40
C GLY A 26 5.84 9.99 0.16
N ASP A 27 4.78 10.76 0.36
CA ASP A 27 4.84 12.17 0.72
C ASP A 27 4.64 12.31 2.23
N SER A 28 3.60 11.65 2.74
CA SER A 28 3.11 11.74 4.09
C SER A 28 3.00 10.31 4.64
N ILE A 29 2.30 9.46 3.90
CA ILE A 29 2.13 8.05 4.22
C ILE A 29 2.79 7.16 3.18
N PHE A 30 2.48 5.86 3.17
CA PHE A 30 2.98 5.00 2.10
C PHE A 30 2.10 5.18 0.86
N VAL A 31 2.69 5.04 -0.32
CA VAL A 31 2.06 5.18 -1.61
C VAL A 31 2.23 3.86 -2.36
N ILE A 32 1.32 3.57 -3.30
CA ILE A 32 1.39 2.42 -4.19
C ILE A 32 1.82 2.91 -5.57
N ASP A 33 2.72 2.21 -6.24
CA ASP A 33 3.05 2.46 -7.62
C ASP A 33 1.90 1.93 -8.46
N ALA A 34 0.77 2.65 -8.51
CA ALA A 34 -0.46 2.16 -9.13
C ALA A 34 -0.28 1.68 -10.57
N ASP A 35 0.63 2.33 -11.30
CA ASP A 35 1.18 1.91 -12.58
C ASP A 35 1.47 0.40 -12.61
N THR A 36 2.15 -0.02 -11.54
CA THR A 36 2.84 -1.28 -11.36
C THR A 36 1.99 -2.26 -10.55
N CYS A 37 1.26 -1.80 -9.54
CA CYS A 37 0.33 -2.66 -8.78
C CYS A 37 -0.65 -3.37 -9.71
N ILE A 38 -0.74 -4.71 -9.61
CA ILE A 38 -1.58 -5.55 -10.46
C ILE A 38 -2.99 -5.78 -9.87
N ASP A 39 -3.32 -5.06 -8.79
CA ASP A 39 -4.53 -5.17 -7.99
C ASP A 39 -4.78 -6.60 -7.50
N CYS A 40 -4.00 -6.99 -6.49
CA CYS A 40 -3.96 -8.34 -5.92
C CYS A 40 -4.52 -8.44 -4.49
N GLY A 41 -4.71 -7.30 -3.80
CA GLY A 41 -5.30 -7.25 -2.47
C GLY A 41 -4.35 -7.58 -1.30
N ASN A 42 -3.21 -8.22 -1.55
CA ASN A 42 -2.36 -8.73 -0.47
C ASN A 42 -1.96 -7.65 0.53
N CYS A 43 -1.48 -6.48 0.07
CA CYS A 43 -1.13 -5.37 0.96
C CYS A 43 -2.36 -4.98 1.79
N ALA A 44 -3.55 -4.94 1.18
CA ALA A 44 -4.79 -4.67 1.89
C ALA A 44 -4.98 -5.69 3.01
N ASN A 45 -4.71 -6.97 2.72
CA ASN A 45 -4.80 -8.04 3.71
C ASN A 45 -3.80 -7.83 4.85
N VAL A 46 -2.52 -7.56 4.54
CA VAL A 46 -1.51 -7.42 5.61
C VAL A 46 -1.76 -6.17 6.46
N CYS A 47 -2.13 -5.05 5.83
CA CYS A 47 -2.14 -3.74 6.50
C CYS A 47 -2.96 -3.76 7.79
N PRO A 48 -2.37 -3.42 8.96
CA PRO A 48 -3.05 -3.36 10.24
C PRO A 48 -4.45 -2.77 10.21
N VAL A 49 -4.68 -1.72 9.41
CA VAL A 49 -5.97 -1.05 9.31
C VAL A 49 -6.44 -0.94 7.85
N GLY A 50 -6.04 -1.88 6.98
CA GLY A 50 -6.57 -1.99 5.62
C GLY A 50 -6.54 -0.67 4.84
N ALA A 51 -5.45 0.09 4.98
CA ALA A 51 -5.24 1.36 4.32
C ALA A 51 -5.10 1.28 2.79
N PRO A 52 -4.65 0.16 2.20
CA PRO A 52 -4.74 -0.09 0.77
C PRO A 52 -6.20 -0.05 0.28
N VAL A 53 -6.73 1.16 0.11
CA VAL A 53 -8.06 1.56 -0.29
C VAL A 53 -7.92 3.00 -0.77
N GLN A 54 -9.02 3.52 -1.33
CA GLN A 54 -9.24 3.54 -2.77
C GLN A 54 -8.57 4.75 -3.45
N GLU A 55 -8.32 4.62 -4.76
CA GLU A 55 -7.70 5.58 -5.65
C GLU A 55 -8.70 6.68 -6.02
FE1 SF4 B . 0.54 2.00 5.61
FE2 SF4 B . 1.62 0.19 7.21
FE3 SF4 B . 1.38 -0.34 4.64
FE4 SF4 B . -0.73 -0.23 6.16
S1 SF4 B . 0.91 -1.68 6.31
S2 SF4 B . -0.52 0.71 4.17
S3 SF4 B . -0.21 1.37 7.59
S4 SF4 B . 2.63 1.25 5.55
FE1 SF4 C . -0.87 -4.03 -5.47
FE2 SF4 C . -0.93 -6.47 -4.47
FE3 SF4 C . -0.86 -4.37 -2.90
FE4 SF4 C . 1.24 -5.10 -4.32
S1 SF4 C . 0.29 -6.20 -2.70
S2 SF4 C . 0.49 -3.04 -4.05
S3 SF4 C . 0.27 -5.79 -6.20
S4 SF4 C . -2.49 -4.92 -4.25
N ALA A 1 -5.78 -1.72 -9.14
CA ALA A 1 -4.97 -1.20 -8.05
C ALA A 1 -5.88 -0.50 -7.04
N TYR A 2 -5.42 -0.40 -5.79
CA TYR A 2 -6.01 0.46 -4.77
C TYR A 2 -5.27 1.79 -4.85
N LYS A 3 -5.36 2.59 -3.78
CA LYS A 3 -4.16 3.32 -3.41
C LYS A 3 -3.89 2.84 -2.00
N ILE A 4 -2.85 3.35 -1.38
CA ILE A 4 -2.86 3.46 0.06
C ILE A 4 -3.60 4.75 0.41
N ALA A 5 -4.80 4.64 1.00
CA ALA A 5 -5.53 5.81 1.47
C ALA A 5 -4.96 6.35 2.78
N ASP A 6 -5.37 7.57 3.10
CA ASP A 6 -4.97 8.36 4.26
C ASP A 6 -5.01 7.59 5.58
N SER A 7 -5.90 6.60 5.68
CA SER A 7 -5.96 5.71 6.83
C SER A 7 -4.59 5.13 7.22
N CYS A 8 -3.66 5.04 6.27
CA CYS A 8 -2.34 4.43 6.37
C CYS A 8 -1.55 4.79 7.65
N VAL A 9 -1.03 6.01 7.77
CA VAL A 9 0.11 6.35 8.65
C VAL A 9 1.38 5.66 8.16
N SER A 10 2.53 6.32 8.27
CA SER A 10 3.85 5.84 7.86
C SER A 10 4.33 4.62 8.68
N CYS A 11 3.56 3.54 8.72
CA CYS A 11 3.85 2.32 9.46
C CYS A 11 4.83 1.46 8.63
N GLY A 12 5.56 0.54 9.27
CA GLY A 12 6.65 -0.17 8.61
C GLY A 12 6.28 -1.60 8.24
N ALA A 13 5.00 -1.89 7.99
CA ALA A 13 4.51 -3.25 7.84
C ALA A 13 4.52 -3.75 6.39
N CYS A 14 3.85 -3.06 5.46
CA CYS A 14 3.67 -3.58 4.10
C CYS A 14 4.96 -3.51 3.26
N ALA A 15 5.24 -2.44 2.51
CA ALA A 15 6.32 -2.35 1.52
C ALA A 15 6.65 -3.67 0.82
N SER A 16 7.69 -4.36 1.28
CA SER A 16 8.17 -5.65 0.80
C SER A 16 7.06 -6.68 0.60
N GLU A 17 6.01 -6.61 1.43
CA GLU A 17 4.81 -7.43 1.32
C GLU A 17 4.21 -7.40 -0.09
N CYS A 18 4.33 -6.29 -0.82
CA CYS A 18 3.82 -6.24 -2.17
C CYS A 18 4.57 -7.23 -3.07
N PRO A 19 3.91 -8.19 -3.73
CA PRO A 19 4.56 -9.09 -4.68
C PRO A 19 5.39 -8.37 -5.73
N VAL A 20 4.97 -7.18 -6.19
CA VAL A 20 5.70 -6.40 -7.18
C VAL A 20 6.58 -5.33 -6.50
N ASN A 21 6.64 -5.34 -5.17
CA ASN A 21 7.49 -4.47 -4.34
C ASN A 21 7.34 -3.00 -4.75
N ALA A 22 6.09 -2.59 -5.03
CA ALA A 22 5.78 -1.32 -5.65
C ALA A 22 5.08 -0.40 -4.65
N ILE A 23 5.65 -0.36 -3.44
CA ILE A 23 5.18 0.40 -2.29
C ILE A 23 6.43 0.92 -1.59
N SER A 24 6.34 2.07 -0.93
CA SER A 24 7.27 2.59 0.06
C SER A 24 6.64 3.83 0.70
N GLN A 25 7.31 4.40 1.71
CA GLN A 25 6.98 5.70 2.26
C GLN A 25 7.12 6.70 1.10
N GLY A 26 6.05 7.46 0.81
CA GLY A 26 6.02 8.42 -0.26
C GLY A 26 6.19 9.84 0.27
N ASP A 27 5.06 10.54 0.43
CA ASP A 27 5.00 11.97 0.65
C ASP A 27 4.80 12.23 2.15
N SER A 28 3.88 11.47 2.74
CA SER A 28 3.42 11.59 4.11
C SER A 28 3.37 10.18 4.69
N ILE A 29 2.60 9.32 4.03
CA ILE A 29 2.42 7.93 4.39
C ILE A 29 2.97 7.00 3.31
N PHE A 30 2.58 5.73 3.31
CA PHE A 30 3.05 4.84 2.24
C PHE A 30 2.23 5.09 0.97
N VAL A 31 2.90 5.10 -0.18
CA VAL A 31 2.34 5.26 -1.49
C VAL A 31 2.50 3.93 -2.24
N ILE A 32 1.65 3.69 -3.25
CA ILE A 32 1.78 2.56 -4.17
C ILE A 32 2.08 3.15 -5.54
N ASP A 33 2.92 2.52 -6.35
CA ASP A 33 2.95 2.80 -7.76
C ASP A 33 1.69 2.17 -8.36
N ALA A 34 0.54 2.81 -8.21
CA ALA A 34 -0.76 2.25 -8.64
C ALA A 34 -0.77 1.82 -10.11
N ASP A 35 0.00 2.53 -10.94
CA ASP A 35 0.38 2.17 -12.29
C ASP A 35 0.77 0.70 -12.41
N THR A 36 1.64 0.32 -11.48
CA THR A 36 2.42 -0.90 -11.46
C THR A 36 1.77 -1.96 -10.55
N CYS A 37 1.06 -1.58 -9.49
CA CYS A 37 0.24 -2.52 -8.73
C CYS A 37 -0.67 -3.32 -9.68
N ILE A 38 -0.48 -4.64 -9.73
CA ILE A 38 -1.25 -5.51 -10.60
C ILE A 38 -2.71 -5.68 -10.12
N ASP A 39 -2.96 -5.34 -8.85
CA ASP A 39 -4.17 -5.61 -8.07
C ASP A 39 -4.15 -7.08 -7.64
N CYS A 40 -4.14 -7.36 -6.34
CA CYS A 40 -3.88 -8.72 -5.86
C CYS A 40 -4.49 -8.99 -4.48
N GLY A 41 -4.28 -8.10 -3.51
CA GLY A 41 -4.91 -8.16 -2.20
C GLY A 41 -3.91 -8.13 -1.05
N ASN A 42 -2.69 -8.66 -1.23
CA ASN A 42 -1.84 -8.96 -0.08
C ASN A 42 -1.66 -7.76 0.86
N CYS A 43 -1.28 -6.60 0.32
CA CYS A 43 -1.10 -5.40 1.12
C CYS A 43 -2.38 -5.09 1.93
N ALA A 44 -3.55 -5.15 1.29
CA ALA A 44 -4.81 -4.93 1.98
C ALA A 44 -4.98 -5.95 3.10
N ASN A 45 -4.65 -7.21 2.82
CA ASN A 45 -4.64 -8.30 3.80
C ASN A 45 -3.73 -7.97 4.99
N VAL A 46 -2.47 -7.58 4.78
CA VAL A 46 -1.56 -7.36 5.91
C VAL A 46 -1.96 -6.12 6.71
N CYS A 47 -2.38 -5.05 6.02
CA CYS A 47 -2.41 -3.72 6.61
C CYS A 47 -3.21 -3.65 7.92
N PRO A 48 -2.57 -3.32 9.07
CA PRO A 48 -3.24 -3.19 10.35
C PRO A 48 -4.52 -2.36 10.30
N VAL A 49 -4.53 -1.30 9.50
CA VAL A 49 -5.62 -0.33 9.41
C VAL A 49 -6.37 -0.42 8.08
N GLY A 50 -6.11 -1.46 7.26
CA GLY A 50 -6.79 -1.67 5.99
C GLY A 50 -6.83 -0.41 5.12
N ALA A 51 -5.67 0.21 4.92
CA ALA A 51 -5.46 1.44 4.18
C ALA A 51 -5.17 1.24 2.69
N PRO A 52 -4.62 0.10 2.22
CA PRO A 52 -4.58 -0.24 0.81
C PRO A 52 -6.00 -0.36 0.27
N VAL A 53 -6.58 0.79 -0.04
CA VAL A 53 -7.95 1.06 -0.39
C VAL A 53 -7.90 2.41 -1.08
N GLN A 54 -8.95 2.59 -1.89
CA GLN A 54 -8.85 2.84 -3.31
C GLN A 54 -8.79 4.32 -3.68
N GLU A 55 -8.59 4.54 -4.97
CA GLU A 55 -8.94 5.77 -5.65
C GLU A 55 -10.44 5.73 -5.95
FE1 SF4 B . 0.26 1.99 5.52
FE2 SF4 B . 1.28 0.26 7.24
FE3 SF4 B . 1.23 -0.33 4.68
FE4 SF4 B . -0.98 -0.25 6.08
S1 SF4 B . 0.67 -1.66 6.33
S2 SF4 B . -0.67 0.62 4.06
S3 SF4 B . -0.58 1.37 7.46
S4 SF4 B . 2.37 1.29 5.64
FE1 SF4 C . -1.05 -4.08 -5.50
FE2 SF4 C . -0.92 -6.54 -4.50
FE3 SF4 C . -1.03 -4.46 -2.92
FE4 SF4 C . 1.14 -4.93 -4.36
S1 SF4 C . 0.31 -6.16 -2.73
S2 SF4 C . 0.15 -2.97 -4.05
S3 SF4 C . 0.23 -5.74 -6.22
S4 SF4 C . -2.60 -5.12 -4.31
N ALA A 1 -5.36 -0.63 -9.33
CA ALA A 1 -4.49 -0.85 -8.17
C ALA A 1 -5.39 -0.81 -6.94
N TYR A 2 -4.80 -0.81 -5.74
CA TYR A 2 -5.36 -0.02 -4.66
C TYR A 2 -4.51 1.25 -4.58
N LYS A 3 -4.82 2.19 -3.68
CA LYS A 3 -3.75 3.03 -3.21
C LYS A 3 -3.56 2.55 -1.79
N ILE A 4 -2.52 2.98 -1.15
CA ILE A 4 -2.60 3.11 0.28
C ILE A 4 -3.35 4.40 0.56
N ALA A 5 -4.61 4.31 1.01
CA ALA A 5 -5.39 5.49 1.35
C ALA A 5 -4.98 6.05 2.71
N ASP A 6 -5.58 7.20 3.03
CA ASP A 6 -5.31 8.07 4.13
C ASP A 6 -5.46 7.39 5.50
N SER A 7 -6.09 6.21 5.56
CA SER A 7 -6.10 5.40 6.78
C SER A 7 -4.67 5.02 7.21
N CYS A 8 -3.72 5.00 6.27
CA CYS A 8 -2.33 4.61 6.48
C CYS A 8 -1.65 5.45 7.57
N VAL A 9 -0.64 4.89 8.22
CA VAL A 9 0.36 5.60 9.00
C VAL A 9 1.71 5.12 8.46
N SER A 10 2.77 5.91 8.63
CA SER A 10 4.13 5.62 8.17
C SER A 10 4.73 4.34 8.81
N CYS A 11 4.18 3.15 8.50
CA CYS A 11 4.49 1.91 9.21
C CYS A 11 5.37 0.96 8.40
N GLY A 12 5.26 1.01 7.06
CA GLY A 12 6.13 0.32 6.12
C GLY A 12 6.02 -1.20 6.09
N ALA A 13 5.03 -1.81 6.76
CA ALA A 13 4.89 -3.26 6.77
C ALA A 13 4.57 -3.78 5.36
N CYS A 14 3.42 -3.36 4.83
CA CYS A 14 2.89 -3.79 3.54
C CYS A 14 3.94 -3.67 2.43
N ALA A 15 4.80 -2.65 2.49
CA ALA A 15 5.92 -2.46 1.58
C ALA A 15 6.70 -3.75 1.29
N SER A 16 7.02 -4.52 2.33
CA SER A 16 7.79 -5.75 2.17
C SER A 16 6.90 -6.96 1.89
N GLU A 17 5.58 -6.76 1.97
CA GLU A 17 4.55 -7.76 1.76
C GLU A 17 4.23 -7.80 0.26
N CYS A 18 4.15 -6.63 -0.39
CA CYS A 18 3.80 -6.53 -1.80
C CYS A 18 4.63 -7.49 -2.65
N PRO A 19 4.01 -8.48 -3.34
CA PRO A 19 4.69 -9.40 -4.23
C PRO A 19 5.65 -8.71 -5.21
N VAL A 20 5.33 -7.50 -5.66
CA VAL A 20 6.17 -6.77 -6.61
C VAL A 20 6.84 -5.55 -5.99
N ASN A 21 6.79 -5.42 -4.66
CA ASN A 21 7.40 -4.32 -3.90
C ASN A 21 7.08 -2.94 -4.48
N ALA A 22 5.88 -2.77 -5.05
CA ALA A 22 5.44 -1.55 -5.72
C ALA A 22 4.94 -0.51 -4.71
N ILE A 23 5.63 -0.40 -3.57
CA ILE A 23 5.26 0.43 -2.44
C ILE A 23 6.48 1.23 -1.99
N SER A 24 6.29 2.46 -1.51
CA SER A 24 7.25 3.27 -0.81
C SER A 24 6.55 4.45 -0.15
N GLN A 25 7.23 5.16 0.76
CA GLN A 25 6.66 6.31 1.43
C GLN A 25 6.60 7.47 0.45
N GLY A 26 5.39 7.97 0.18
CA GLY A 26 5.19 8.92 -0.90
C GLY A 26 5.39 10.34 -0.40
N ASP A 27 4.37 10.86 0.28
CA ASP A 27 4.36 12.22 0.82
C ASP A 27 4.70 12.16 2.31
N SER A 28 3.93 11.36 3.04
CA SER A 28 3.86 11.31 4.48
C SER A 28 3.74 9.85 4.88
N ILE A 29 2.71 9.18 4.35
CA ILE A 29 2.44 7.78 4.63
C ILE A 29 2.90 6.91 3.47
N PHE A 30 2.61 5.60 3.52
CA PHE A 30 2.97 4.74 2.43
C PHE A 30 2.06 4.95 1.23
N VAL A 31 2.61 4.76 0.03
CA VAL A 31 1.99 4.99 -1.24
C VAL A 31 2.37 3.80 -2.14
N ILE A 32 1.50 3.50 -3.11
CA ILE A 32 1.64 2.42 -4.07
C ILE A 32 1.99 3.05 -5.43
N ASP A 33 2.93 2.46 -6.19
CA ASP A 33 3.19 2.84 -7.54
C ASP A 33 2.04 2.30 -8.39
N ALA A 34 0.87 2.95 -8.35
CA ALA A 34 -0.37 2.40 -8.88
C ALA A 34 -0.28 1.95 -10.35
N ASP A 35 0.50 2.66 -11.16
CA ASP A 35 0.93 2.28 -12.50
C ASP A 35 1.36 0.81 -12.57
N THR A 36 2.19 0.47 -11.58
CA THR A 36 3.01 -0.72 -11.50
C THR A 36 2.38 -1.78 -10.60
N CYS A 37 1.60 -1.39 -9.57
CA CYS A 37 0.75 -2.35 -8.86
C CYS A 37 -0.11 -3.12 -9.85
N ILE A 38 -0.10 -4.45 -9.76
CA ILE A 38 -1.14 -5.28 -10.34
C ILE A 38 -2.21 -5.45 -9.27
N ASP A 39 -3.48 -5.22 -9.59
CA ASP A 39 -4.61 -5.30 -8.67
C ASP A 39 -4.76 -6.71 -8.05
N CYS A 40 -3.88 -7.03 -7.10
CA CYS A 40 -3.79 -8.33 -6.45
C CYS A 40 -4.42 -8.30 -5.05
N GLY A 41 -4.67 -7.09 -4.52
CA GLY A 41 -5.29 -6.83 -3.24
C GLY A 41 -4.42 -7.13 -2.01
N ASN A 42 -3.43 -8.01 -2.14
CA ASN A 42 -2.87 -8.75 -1.01
C ASN A 42 -2.36 -7.85 0.11
N CYS A 43 -1.72 -6.72 -0.22
CA CYS A 43 -1.18 -5.76 0.74
C CYS A 43 -2.18 -5.41 1.85
N ALA A 44 -3.50 -5.40 1.54
CA ALA A 44 -4.53 -5.21 2.55
C ALA A 44 -4.33 -6.11 3.78
N ASN A 45 -4.00 -7.39 3.55
CA ASN A 45 -4.03 -8.42 4.60
C ASN A 45 -3.26 -8.03 5.86
N VAL A 46 -2.10 -7.37 5.70
CA VAL A 46 -1.25 -7.06 6.84
C VAL A 46 -1.75 -5.83 7.60
N CYS A 47 -2.47 -4.93 6.91
CA CYS A 47 -2.50 -3.54 7.34
C CYS A 47 -3.26 -3.35 8.65
N PRO A 48 -2.61 -2.87 9.73
CA PRO A 48 -3.25 -2.58 11.01
C PRO A 48 -4.61 -1.90 10.91
N VAL A 49 -4.76 -0.97 9.95
CA VAL A 49 -5.98 -0.17 9.80
C VAL A 49 -6.47 -0.18 8.34
N GLY A 50 -6.29 -1.29 7.63
CA GLY A 50 -6.92 -1.56 6.34
C GLY A 50 -6.87 -0.38 5.36
N ALA A 51 -5.68 0.20 5.19
CA ALA A 51 -5.42 1.37 4.38
C ALA A 51 -5.14 1.06 2.90
N PRO A 52 -4.61 -0.11 2.51
CA PRO A 52 -4.54 -0.51 1.11
C PRO A 52 -5.94 -0.60 0.53
N VAL A 53 -6.44 0.53 0.02
CA VAL A 53 -7.76 0.79 -0.49
C VAL A 53 -7.63 2.11 -1.25
N GLN A 54 -8.59 2.28 -2.15
CA GLN A 54 -8.38 2.41 -3.59
C GLN A 54 -8.19 3.85 -4.03
N GLU A 55 -7.71 4.04 -5.26
CA GLU A 55 -7.12 5.27 -5.74
C GLU A 55 -8.19 6.32 -6.05
FE1 SF4 B . 0.26 1.99 5.73
FE2 SF4 B . 1.40 0.19 7.29
FE3 SF4 B . 1.03 -0.33 4.75
FE4 SF4 B . -1.02 -0.19 6.39
S1 SF4 B . 0.60 -1.68 6.44
S2 SF4 B . -0.88 0.69 4.38
S3 SF4 B . -0.39 1.41 7.77
S4 SF4 B . 2.33 1.23 5.61
FE1 SF4 C . -0.67 -3.99 -5.63
FE2 SF4 C . -0.77 -6.45 -4.71
FE3 SF4 C . -0.84 -4.43 -3.05
FE4 SF4 C . 1.39 -5.01 -4.32
S1 SF4 C . 0.34 -6.24 -2.83
S2 SF4 C . 0.52 -2.99 -4.05
S3 SF4 C . 0.61 -5.69 -6.28
S4 SF4 C . -2.35 -4.93 -4.56
N ALA A 1 -4.33 -1.97 -7.22
CA ALA A 1 -3.78 -0.65 -6.94
C ALA A 1 -4.47 -0.02 -5.74
N TYR A 2 -5.75 0.37 -5.85
CA TYR A 2 -6.33 1.20 -4.79
C TYR A 2 -5.54 2.48 -4.76
N LYS A 3 -5.48 3.11 -3.59
CA LYS A 3 -4.25 3.81 -3.28
C LYS A 3 -3.88 3.36 -1.89
N ILE A 4 -2.85 3.96 -1.33
CA ILE A 4 -2.77 4.03 0.11
C ILE A 4 -3.69 5.18 0.54
N ALA A 5 -4.81 4.88 1.19
CA ALA A 5 -5.62 5.91 1.82
C ALA A 5 -5.01 6.38 3.14
N ASP A 6 -5.47 7.55 3.58
CA ASP A 6 -5.02 8.27 4.77
C ASP A 6 -5.02 7.45 6.04
N SER A 7 -5.79 6.36 6.09
CA SER A 7 -5.69 5.39 7.17
C SER A 7 -4.25 4.92 7.42
N CYS A 8 -3.39 4.97 6.40
CA CYS A 8 -1.98 4.59 6.47
C CYS A 8 -1.25 5.37 7.57
N VAL A 9 -0.86 4.71 8.65
CA VAL A 9 -0.13 5.35 9.75
C VAL A 9 1.38 5.49 9.45
N SER A 10 1.79 5.30 8.19
CA SER A 10 3.19 5.34 7.78
C SER A 10 4.00 4.29 8.53
N CYS A 11 3.45 3.06 8.64
CA CYS A 11 4.08 1.98 9.37
C CYS A 11 5.12 1.27 8.49
N GLY A 12 5.50 0.02 8.77
CA GLY A 12 6.42 -0.73 7.93
C GLY A 12 6.05 -2.21 7.89
N ALA A 13 4.74 -2.50 7.83
CA ALA A 13 4.23 -3.87 7.78
C ALA A 13 4.11 -4.34 6.33
N CYS A 14 3.67 -3.47 5.42
CA CYS A 14 3.52 -3.82 4.00
C CYS A 14 4.85 -3.63 3.23
N ALA A 15 4.84 -3.06 2.02
CA ALA A 15 6.01 -2.76 1.20
C ALA A 15 6.75 -4.02 0.75
N SER A 16 7.55 -4.62 1.63
CA SER A 16 8.23 -5.89 1.36
C SER A 16 7.21 -6.96 0.97
N GLU A 17 6.04 -6.88 1.59
CA GLU A 17 4.87 -7.70 1.33
C GLU A 17 4.43 -7.70 -0.12
N CYS A 18 4.65 -6.62 -0.87
CA CYS A 18 4.17 -6.57 -2.23
C CYS A 18 4.98 -7.54 -3.10
N PRO A 19 4.34 -8.46 -3.85
CA PRO A 19 5.00 -9.32 -4.82
C PRO A 19 6.04 -8.59 -5.67
N VAL A 20 5.77 -7.33 -6.05
CA VAL A 20 6.67 -6.54 -6.89
C VAL A 20 7.24 -5.34 -6.13
N ASN A 21 7.21 -5.38 -4.79
CA ASN A 21 7.77 -4.36 -3.87
C ASN A 21 7.43 -2.93 -4.30
N ALA A 22 6.19 -2.73 -4.77
CA ALA A 22 5.78 -1.53 -5.50
C ALA A 22 5.04 -0.55 -4.58
N ILE A 23 5.55 -0.42 -3.35
CA ILE A 23 5.02 0.42 -2.30
C ILE A 23 6.25 0.95 -1.53
N SER A 24 6.15 2.16 -0.95
CA SER A 24 7.13 2.77 -0.08
C SER A 24 6.55 4.07 0.49
N GLN A 25 7.26 4.69 1.44
CA GLN A 25 6.91 5.99 2.01
C GLN A 25 6.93 7.02 0.88
N GLY A 26 5.86 7.81 0.75
CA GLY A 26 5.67 8.79 -0.30
C GLY A 26 5.83 10.21 0.23
N ASP A 27 4.72 10.96 0.27
CA ASP A 27 4.72 12.39 0.56
C ASP A 27 4.34 12.62 2.01
N SER A 28 3.26 11.97 2.43
CA SER A 28 2.62 12.07 3.71
C SER A 28 2.75 10.71 4.38
N ILE A 29 2.18 9.70 3.72
CA ILE A 29 2.12 8.32 4.17
C ILE A 29 2.77 7.39 3.14
N PHE A 30 2.40 6.10 3.11
CA PHE A 30 2.92 5.25 2.03
C PHE A 30 2.20 5.55 0.72
N VAL A 31 2.84 5.23 -0.41
CA VAL A 31 2.36 5.36 -1.77
C VAL A 31 2.51 4.01 -2.47
N ILE A 32 1.92 3.87 -3.67
CA ILE A 32 1.97 2.68 -4.51
C ILE A 32 2.37 3.13 -5.90
N ASP A 33 3.17 2.34 -6.63
CA ASP A 33 3.33 2.52 -8.04
C ASP A 33 2.06 1.95 -8.68
N ALA A 34 0.97 2.71 -8.67
CA ALA A 34 -0.34 2.21 -9.09
C ALA A 34 -0.34 1.61 -10.50
N ASP A 35 0.47 2.16 -11.41
CA ASP A 35 0.68 1.66 -12.76
C ASP A 35 1.23 0.23 -12.72
N THR A 36 2.08 -0.03 -11.73
CA THR A 36 2.73 -1.31 -11.50
C THR A 36 1.82 -2.26 -10.71
N CYS A 37 1.15 -1.79 -9.64
CA CYS A 37 0.20 -2.68 -8.95
C CYS A 37 -0.86 -3.19 -9.94
N ILE A 38 -1.23 -4.47 -9.86
CA ILE A 38 -2.44 -5.00 -10.48
C ILE A 38 -3.63 -4.70 -9.55
N ASP A 39 -4.30 -5.74 -9.03
CA ASP A 39 -5.47 -5.68 -8.17
C ASP A 39 -5.37 -6.74 -7.07
N CYS A 40 -4.15 -7.07 -6.65
CA CYS A 40 -3.93 -8.16 -5.70
C CYS A 40 -4.37 -7.77 -4.27
N GLY A 41 -4.28 -8.70 -3.32
CA GLY A 41 -4.79 -8.51 -1.97
C GLY A 41 -3.71 -8.16 -0.94
N ASN A 42 -2.48 -8.67 -1.11
CA ASN A 42 -1.62 -8.94 0.04
C ASN A 42 -1.43 -7.73 0.96
N CYS A 43 -0.99 -6.59 0.39
CA CYS A 43 -0.75 -5.40 1.18
C CYS A 43 -2.01 -4.98 1.94
N ALA A 44 -3.17 -4.98 1.27
CA ALA A 44 -4.43 -4.65 1.89
C ALA A 44 -4.71 -5.63 3.04
N ASN A 45 -4.46 -6.92 2.78
CA ASN A 45 -4.57 -7.98 3.77
C ASN A 45 -3.70 -7.70 5.01
N VAL A 46 -2.42 -7.38 4.86
CA VAL A 46 -1.59 -7.18 6.04
C VAL A 46 -1.99 -5.93 6.82
N CYS A 47 -2.35 -4.85 6.10
CA CYS A 47 -2.41 -3.53 6.71
C CYS A 47 -3.32 -3.49 7.95
N PRO A 48 -2.79 -3.18 9.14
CA PRO A 48 -3.53 -3.29 10.39
C PRO A 48 -4.77 -2.40 10.41
N VAL A 49 -4.79 -1.33 9.61
CA VAL A 49 -5.95 -0.44 9.49
C VAL A 49 -6.38 -0.31 8.02
N GLY A 50 -6.21 -1.38 7.23
CA GLY A 50 -6.76 -1.50 5.88
C GLY A 50 -6.66 -0.22 5.06
N ALA A 51 -5.44 0.23 4.80
CA ALA A 51 -5.10 1.49 4.18
C ALA A 51 -4.79 1.37 2.69
N PRO A 52 -4.24 0.26 2.16
CA PRO A 52 -4.23 -0.01 0.73
C PRO A 52 -5.66 -0.16 0.24
N VAL A 53 -6.33 0.98 0.05
CA VAL A 53 -7.75 1.17 -0.16
C VAL A 53 -7.85 2.56 -0.78
N GLN A 54 -8.95 2.66 -1.53
CA GLN A 54 -9.03 3.20 -2.88
C GLN A 54 -9.33 4.71 -2.97
N GLU A 55 -8.79 5.32 -4.04
CA GLU A 55 -9.52 6.21 -4.94
C GLU A 55 -9.29 5.55 -6.30
FE1 SF4 B . 0.55 2.08 5.65
FE2 SF4 B . 1.45 0.21 7.34
FE3 SF4 B . 1.41 -0.29 4.79
FE4 SF4 B . -0.83 -0.11 6.18
S1 SF4 B . 0.74 -1.62 6.38
S2 SF4 B . -0.44 0.76 4.17
S3 SF4 B . -0.32 1.48 7.61
S4 SF4 B . 2.62 1.26 5.80
FE1 SF4 C . -0.71 -4.28 -5.48
FE2 SF4 C . -0.69 -6.64 -4.38
FE3 SF4 C . -0.58 -4.51 -2.87
FE4 SF4 C . 1.49 -5.17 -4.38
S1 SF4 C . 0.65 -6.31 -2.67
S2 SF4 C . 0.63 -3.14 -4.15
S3 SF4 C . 0.46 -6.01 -6.16
S4 SF4 C . -2.24 -5.12 -4.15
N ALA A 1 -5.79 -1.05 -9.64
CA ALA A 1 -4.83 -0.71 -8.59
C ALA A 1 -5.56 0.06 -7.49
N TYR A 2 -5.11 -0.09 -6.24
CA TYR A 2 -5.58 0.72 -5.12
C TYR A 2 -4.65 1.91 -4.98
N LYS A 3 -4.73 2.59 -3.84
CA LYS A 3 -3.57 3.28 -3.34
C LYS A 3 -3.41 2.75 -1.93
N ILE A 4 -2.39 3.19 -1.23
CA ILE A 4 -2.49 3.28 0.21
C ILE A 4 -3.17 4.61 0.52
N ALA A 5 -4.42 4.58 0.97
CA ALA A 5 -5.14 5.80 1.30
C ALA A 5 -4.69 6.38 2.64
N ASP A 6 -5.16 7.59 2.92
CA ASP A 6 -4.81 8.41 4.07
C ASP A 6 -5.01 7.70 5.42
N SER A 7 -5.82 6.64 5.46
CA SER A 7 -5.95 5.81 6.65
C SER A 7 -4.61 5.20 7.10
N CYS A 8 -3.64 5.12 6.19
CA CYS A 8 -2.28 4.64 6.46
C CYS A 8 -1.62 5.45 7.58
N VAL A 9 -0.67 4.84 8.29
CA VAL A 9 0.33 5.51 9.11
C VAL A 9 1.66 5.00 8.58
N SER A 10 2.76 5.75 8.76
CA SER A 10 4.07 5.39 8.24
C SER A 10 4.66 4.14 8.92
N CYS A 11 4.01 2.98 8.77
CA CYS A 11 4.30 1.75 9.51
C CYS A 11 5.24 0.81 8.73
N GLY A 12 5.38 1.04 7.42
CA GLY A 12 6.40 0.38 6.62
C GLY A 12 5.94 -0.98 6.11
N ALA A 13 5.62 -1.89 7.04
CA ALA A 13 5.38 -3.31 6.84
C ALA A 13 5.03 -3.71 5.39
N CYS A 14 3.86 -3.27 4.92
CA CYS A 14 3.32 -3.70 3.63
C CYS A 14 4.27 -3.45 2.46
N ALA A 15 5.17 -2.47 2.55
CA ALA A 15 6.29 -2.29 1.63
C ALA A 15 6.92 -3.61 1.19
N SER A 16 7.26 -4.48 2.15
CA SER A 16 7.88 -5.77 1.84
C SER A 16 6.86 -6.82 1.42
N GLU A 17 5.61 -6.64 1.84
CA GLU A 17 4.51 -7.54 1.56
C GLU A 17 4.15 -7.53 0.08
N CYS A 18 4.29 -6.38 -0.58
CA CYS A 18 3.96 -6.29 -1.99
C CYS A 18 4.88 -7.18 -2.83
N PRO A 19 4.35 -8.22 -3.50
CA PRO A 19 5.18 -9.11 -4.30
C PRO A 19 5.81 -8.38 -5.48
N VAL A 20 5.29 -7.21 -5.88
CA VAL A 20 5.88 -6.43 -6.97
C VAL A 20 6.53 -5.15 -6.46
N ASN A 21 6.73 -5.03 -5.14
CA ASN A 21 7.41 -3.89 -4.50
C ASN A 21 6.94 -2.55 -5.07
N ALA A 22 5.62 -2.37 -5.19
CA ALA A 22 5.01 -1.16 -5.71
C ALA A 22 5.01 -0.02 -4.69
N ILE A 23 5.44 -0.28 -3.45
CA ILE A 23 5.22 0.58 -2.30
C ILE A 23 6.49 1.33 -1.94
N SER A 24 6.36 2.56 -1.45
CA SER A 24 7.36 3.33 -0.74
C SER A 24 6.67 4.49 -0.01
N GLN A 25 7.37 5.17 0.89
CA GLN A 25 6.81 6.35 1.55
C GLN A 25 6.72 7.47 0.52
N GLY A 26 5.51 8.00 0.31
CA GLY A 26 5.26 8.93 -0.78
C GLY A 26 5.47 10.36 -0.31
N ASP A 27 4.61 10.78 0.62
CA ASP A 27 4.61 12.13 1.17
C ASP A 27 4.97 12.01 2.65
N SER A 28 4.02 11.45 3.39
CA SER A 28 4.07 11.22 4.82
C SER A 28 3.96 9.72 5.06
N ILE A 29 2.85 9.16 4.57
CA ILE A 29 2.53 7.75 4.75
C ILE A 29 3.01 6.93 3.55
N PHE A 30 2.67 5.64 3.53
CA PHE A 30 3.06 4.78 2.42
C PHE A 30 2.15 5.01 1.20
N VAL A 31 2.70 4.78 0.02
CA VAL A 31 2.13 5.11 -1.27
C VAL A 31 2.49 3.97 -2.23
N ILE A 32 1.56 3.62 -3.11
CA ILE A 32 1.66 2.61 -4.15
C ILE A 32 1.88 3.28 -5.50
N ASP A 33 2.77 2.71 -6.34
CA ASP A 33 2.78 2.94 -7.76
C ASP A 33 1.53 2.25 -8.33
N ALA A 34 0.47 2.98 -8.65
CA ALA A 34 -0.72 2.34 -9.19
C ALA A 34 -0.45 1.62 -10.51
N ASP A 35 0.46 2.16 -11.33
CA ASP A 35 0.88 1.52 -12.56
C ASP A 35 1.49 0.14 -12.29
N THR A 36 2.24 0.04 -11.19
CA THR A 36 2.95 -1.17 -10.78
C THR A 36 1.98 -2.14 -10.09
N CYS A 37 1.09 -1.66 -9.21
CA CYS A 37 0.17 -2.55 -8.48
C CYS A 37 -0.72 -3.34 -9.47
N ILE A 38 -0.76 -4.66 -9.32
CA ILE A 38 -1.49 -5.58 -10.19
C ILE A 38 -2.82 -6.03 -9.57
N ASP A 39 -3.43 -5.19 -8.72
CA ASP A 39 -4.71 -5.47 -8.06
C ASP A 39 -4.72 -6.83 -7.36
N CYS A 40 -3.67 -7.13 -6.60
CA CYS A 40 -3.63 -8.34 -5.77
C CYS A 40 -4.31 -8.05 -4.41
N GLY A 41 -4.11 -8.90 -3.40
CA GLY A 41 -4.76 -8.76 -2.09
C GLY A 41 -3.79 -8.39 -0.96
N ASN A 42 -2.52 -8.81 -1.06
CA ASN A 42 -1.70 -9.03 0.14
C ASN A 42 -1.64 -7.82 1.06
N CYS A 43 -1.22 -6.67 0.54
CA CYS A 43 -1.11 -5.46 1.35
C CYS A 43 -2.44 -5.15 2.04
N ALA A 44 -3.56 -5.23 1.33
CA ALA A 44 -4.87 -4.98 1.89
C ALA A 44 -5.17 -5.97 3.03
N ASN A 45 -4.81 -7.24 2.82
CA ASN A 45 -4.95 -8.25 3.86
C ASN A 45 -4.11 -7.92 5.09
N VAL A 46 -2.84 -7.56 4.93
CA VAL A 46 -1.98 -7.35 6.10
C VAL A 46 -2.38 -6.10 6.89
N CYS A 47 -2.69 -5.00 6.20
CA CYS A 47 -2.66 -3.67 6.81
C CYS A 47 -3.53 -3.60 8.06
N PRO A 48 -2.98 -3.26 9.25
CA PRO A 48 -3.69 -3.13 10.50
C PRO A 48 -5.06 -2.45 10.40
N VAL A 49 -5.18 -1.41 9.57
CA VAL A 49 -6.41 -0.63 9.42
C VAL A 49 -6.94 -0.66 7.97
N GLY A 50 -6.49 -1.61 7.15
CA GLY A 50 -6.99 -1.78 5.79
C GLY A 50 -6.89 -0.49 4.96
N ALA A 51 -5.76 0.21 5.05
CA ALA A 51 -5.47 1.43 4.32
C ALA A 51 -5.19 1.26 2.82
N PRO A 52 -4.71 0.09 2.34
CA PRO A 52 -4.63 -0.20 0.92
C PRO A 52 -6.02 -0.18 0.28
N VAL A 53 -6.44 1.01 -0.16
CA VAL A 53 -7.73 1.38 -0.71
C VAL A 53 -7.46 2.70 -1.42
N GLN A 54 -8.40 2.98 -2.32
CA GLN A 54 -8.17 3.35 -3.72
C GLN A 54 -8.04 4.84 -3.98
N GLU A 55 -7.64 5.14 -5.22
CA GLU A 55 -7.64 6.49 -5.79
C GLU A 55 -9.07 6.86 -6.20
FE1 SF4 B . 0.30 1.95 5.76
FE2 SF4 B . 1.34 0.10 7.36
FE3 SF4 B . 1.10 -0.37 4.80
FE4 SF4 B . -1.04 -0.24 6.33
S1 SF4 B . 0.57 -1.74 6.44
S2 SF4 B . -0.79 0.68 4.33
S3 SF4 B . -0.46 1.34 7.76
S4 SF4 B . 2.38 1.16 5.74
FE1 SF4 C . -0.98 -4.07 -5.25
FE2 SF4 C . -0.78 -6.53 -4.26
FE3 SF4 C . -0.90 -4.46 -2.67
FE4 SF4 C . 1.27 -4.94 -4.15
S1 SF4 C . 0.45 -6.16 -2.50
S2 SF4 C . 0.29 -2.97 -3.82
S3 SF4 C . 0.32 -5.71 -5.99
S4 SF4 C . -2.47 -5.15 -4.03
N ALA A 1 -5.52 -0.66 -9.56
CA ALA A 1 -4.68 -0.27 -8.42
C ALA A 1 -5.55 0.36 -7.36
N TYR A 2 -5.16 0.26 -6.09
CA TYR A 2 -5.72 1.04 -5.01
C TYR A 2 -4.89 2.32 -4.92
N LYS A 3 -5.00 3.00 -3.79
CA LYS A 3 -3.87 3.77 -3.32
C LYS A 3 -3.67 3.32 -1.90
N ILE A 4 -2.72 3.91 -1.20
CA ILE A 4 -2.70 3.83 0.24
C ILE A 4 -3.56 4.96 0.79
N ALA A 5 -4.71 4.65 1.38
CA ALA A 5 -5.56 5.69 1.96
C ALA A 5 -4.99 6.18 3.30
N ASP A 6 -5.46 7.36 3.71
CA ASP A 6 -5.00 8.10 4.88
C ASP A 6 -4.97 7.27 6.15
N SER A 7 -5.82 6.22 6.23
CA SER A 7 -5.80 5.27 7.33
C SER A 7 -4.38 4.74 7.63
N CYS A 8 -3.49 4.76 6.64
CA CYS A 8 -2.14 4.20 6.65
C CYS A 8 -1.31 4.61 7.89
N VAL A 9 -1.06 5.91 8.12
CA VAL A 9 -0.01 6.38 9.03
C VAL A 9 1.38 6.02 8.50
N SER A 10 2.45 6.65 8.99
CA SER A 10 3.80 6.26 8.61
C SER A 10 4.24 4.96 9.31
N CYS A 11 3.40 3.93 9.26
CA CYS A 11 3.81 2.53 9.38
C CYS A 11 4.50 2.20 8.06
N GLY A 12 5.24 1.08 7.94
CA GLY A 12 5.95 0.77 6.71
C GLY A 12 6.18 -0.73 6.53
N ALA A 13 5.19 -1.54 6.91
CA ALA A 13 5.32 -2.99 6.82
C ALA A 13 5.10 -3.49 5.39
N CYS A 14 3.90 -3.26 4.86
CA CYS A 14 3.41 -3.83 3.61
C CYS A 14 4.35 -3.65 2.41
N ALA A 15 5.22 -2.64 2.44
CA ALA A 15 6.35 -2.49 1.53
C ALA A 15 6.99 -3.83 1.12
N SER A 16 7.37 -4.68 2.08
CA SER A 16 8.00 -5.97 1.77
C SER A 16 6.97 -6.99 1.28
N GLU A 17 5.72 -6.80 1.70
CA GLU A 17 4.61 -7.73 1.57
C GLU A 17 4.09 -7.72 0.14
N CYS A 18 4.22 -6.58 -0.54
CA CYS A 18 3.81 -6.46 -1.93
C CYS A 18 4.55 -7.47 -2.81
N PRO A 19 3.86 -8.41 -3.49
CA PRO A 19 4.47 -9.34 -4.41
C PRO A 19 5.37 -8.67 -5.46
N VAL A 20 5.04 -7.44 -5.88
CA VAL A 20 5.86 -6.71 -6.85
C VAL A 20 6.74 -5.65 -6.18
N ASN A 21 6.79 -5.63 -4.84
CA ASN A 21 7.59 -4.73 -4.02
C ASN A 21 7.52 -3.28 -4.53
N ALA A 22 6.30 -2.83 -4.85
CA ALA A 22 6.06 -1.57 -5.55
C ALA A 22 5.30 -0.61 -4.64
N ILE A 23 5.79 -0.50 -3.40
CA ILE A 23 5.29 0.35 -2.33
C ILE A 23 6.50 1.05 -1.71
N SER A 24 6.33 2.26 -1.16
CA SER A 24 7.26 3.02 -0.37
C SER A 24 6.55 4.23 0.22
N GLN A 25 7.22 5.01 1.08
CA GLN A 25 6.65 6.21 1.65
C GLN A 25 6.60 7.28 0.57
N GLY A 26 5.45 7.96 0.42
CA GLY A 26 5.23 8.90 -0.66
C GLY A 26 5.35 10.33 -0.15
N ASP A 27 4.26 10.82 0.44
CA ASP A 27 4.09 12.19 0.85
C ASP A 27 4.36 12.30 2.35
N SER A 28 3.63 11.51 3.12
CA SER A 28 3.64 11.44 4.56
C SER A 28 3.56 9.98 4.97
N ILE A 29 2.58 9.25 4.41
CA ILE A 29 2.41 7.84 4.67
C ILE A 29 2.83 7.03 3.44
N PHE A 30 2.38 5.78 3.34
CA PHE A 30 2.82 4.93 2.24
C PHE A 30 2.06 5.22 0.95
N VAL A 31 2.62 4.75 -0.16
CA VAL A 31 2.24 5.04 -1.53
C VAL A 31 2.63 3.83 -2.39
N ILE A 32 2.07 3.74 -3.60
CA ILE A 32 2.14 2.57 -4.49
C ILE A 32 2.49 3.04 -5.89
N ASP A 33 3.29 2.27 -6.64
CA ASP A 33 3.46 2.49 -8.05
C ASP A 33 2.19 1.97 -8.74
N ALA A 34 1.14 2.78 -8.80
CA ALA A 34 -0.17 2.36 -9.30
C ALA A 34 -0.13 1.75 -10.70
N ASP A 35 0.78 2.24 -11.55
CA ASP A 35 1.17 1.64 -12.81
C ASP A 35 1.38 0.13 -12.69
N THR A 36 2.12 -0.22 -11.67
CA THR A 36 2.74 -1.51 -11.43
C THR A 36 1.92 -2.37 -10.47
N CYS A 37 1.20 -1.78 -9.52
CA CYS A 37 0.27 -2.56 -8.69
C CYS A 37 -0.75 -3.31 -9.56
N ILE A 38 -0.87 -4.63 -9.33
CA ILE A 38 -1.75 -5.54 -10.06
C ILE A 38 -2.99 -5.91 -9.21
N ASP A 39 -3.48 -4.98 -8.38
CA ASP A 39 -4.71 -5.07 -7.59
C ASP A 39 -4.84 -6.38 -6.80
N CYS A 40 -3.72 -6.94 -6.34
CA CYS A 40 -3.67 -8.32 -5.86
C CYS A 40 -4.26 -8.53 -4.46
N GLY A 41 -4.57 -7.46 -3.72
CA GLY A 41 -5.21 -7.54 -2.41
C GLY A 41 -4.23 -7.79 -1.26
N ASN A 42 -3.04 -8.37 -1.51
CA ASN A 42 -2.19 -8.83 -0.42
C ASN A 42 -1.94 -7.74 0.61
N CYS A 43 -1.42 -6.59 0.16
CA CYS A 43 -1.15 -5.47 1.05
C CYS A 43 -2.40 -5.09 1.84
N ALA A 44 -3.57 -5.05 1.18
CA ALA A 44 -4.82 -4.73 1.85
C ALA A 44 -5.07 -5.72 2.99
N ASN A 45 -4.84 -7.01 2.74
CA ASN A 45 -5.07 -8.05 3.75
C ASN A 45 -4.01 -8.06 4.85
N VAL A 46 -2.74 -7.73 4.56
CA VAL A 46 -1.73 -7.67 5.63
C VAL A 46 -1.93 -6.43 6.50
N CYS A 47 -2.29 -5.30 5.88
CA CYS A 47 -2.30 -4.01 6.57
C CYS A 47 -3.17 -4.04 7.83
N PRO A 48 -2.62 -3.77 9.03
CA PRO A 48 -3.37 -3.85 10.27
C PRO A 48 -4.56 -2.89 10.29
N VAL A 49 -4.45 -1.76 9.57
CA VAL A 49 -5.48 -0.74 9.50
C VAL A 49 -6.13 -0.69 8.11
N GLY A 50 -5.97 -1.74 7.30
CA GLY A 50 -6.63 -1.91 6.00
C GLY A 50 -6.66 -0.64 5.16
N ALA A 51 -5.50 0.00 5.02
CA ALA A 51 -5.31 1.29 4.35
C ALA A 51 -5.11 1.19 2.83
N PRO A 52 -4.52 0.13 2.28
CA PRO A 52 -4.45 -0.06 0.83
C PRO A 52 -5.85 -0.09 0.23
N VAL A 53 -6.33 1.09 -0.15
CA VAL A 53 -7.68 1.46 -0.47
C VAL A 53 -7.54 2.80 -1.16
N GLN A 54 -8.54 2.96 -2.03
CA GLN A 54 -8.51 3.36 -3.42
C GLN A 54 -8.65 4.86 -3.69
N GLU A 55 -8.17 5.26 -4.86
CA GLU A 55 -8.65 6.39 -5.65
C GLU A 55 -8.77 5.81 -7.07
FE1 SF4 B . 0.36 1.78 5.59
FE2 SF4 B . 1.47 0.09 7.23
FE3 SF4 B . 1.25 -0.54 4.67
FE4 SF4 B . -0.85 -0.48 6.18
S1 SF4 B . 0.86 -1.86 6.40
S2 SF4 B . -0.67 0.44 4.19
S3 SF4 B . -0.40 1.14 7.55
S4 SF4 B . 2.47 1.07 5.53
FE1 SF4 C . -0.86 -3.89 -5.37
FE2 SF4 C . -0.80 -6.37 -4.42
FE3 SF4 C . -0.86 -4.31 -2.81
FE4 SF4 C . 1.31 -4.87 -4.22
S1 SF4 C . 0.40 -6.06 -2.63
S2 SF4 C . 0.41 -2.87 -3.91
S3 SF4 C . 0.38 -5.59 -6.11
S4 SF4 C . -2.44 -4.93 -4.19
N ALA A 1 -6.03 -1.62 -9.45
CA ALA A 1 -5.09 -1.16 -8.42
C ALA A 1 -5.88 -0.42 -7.35
N TYR A 2 -5.43 -0.46 -6.11
CA TYR A 2 -5.87 0.44 -5.05
C TYR A 2 -4.89 1.60 -5.04
N LYS A 3 -4.87 2.33 -3.93
CA LYS A 3 -3.63 2.95 -3.53
C LYS A 3 -3.47 2.55 -2.07
N ILE A 4 -2.45 3.05 -1.41
CA ILE A 4 -2.53 3.24 0.02
C ILE A 4 -3.20 4.59 0.23
N ALA A 5 -4.46 4.60 0.69
CA ALA A 5 -5.14 5.85 0.98
C ALA A 5 -4.68 6.44 2.31
N ASP A 6 -5.12 7.69 2.55
CA ASP A 6 -4.85 8.50 3.73
C ASP A 6 -5.05 7.78 5.06
N SER A 7 -5.90 6.75 5.10
CA SER A 7 -6.07 5.92 6.28
C SER A 7 -4.76 5.29 6.79
N CYS A 8 -3.73 5.23 5.93
CA CYS A 8 -2.39 4.78 6.26
C CYS A 8 -1.79 5.60 7.41
N VAL A 9 -0.81 5.02 8.11
CA VAL A 9 0.08 5.74 9.01
C VAL A 9 1.48 5.33 8.56
N SER A 10 2.51 6.13 8.84
CA SER A 10 3.89 5.83 8.48
C SER A 10 4.44 4.62 9.25
N CYS A 11 3.89 3.44 9.02
CA CYS A 11 4.23 2.19 9.69
C CYS A 11 5.30 1.45 8.85
N GLY A 12 5.53 0.15 9.03
CA GLY A 12 6.43 -0.59 8.16
C GLY A 12 6.03 -2.06 8.09
N ALA A 13 4.73 -2.32 7.98
CA ALA A 13 4.17 -3.67 7.93
C ALA A 13 4.01 -4.15 6.48
N CYS A 14 3.62 -3.26 5.55
CA CYS A 14 3.47 -3.64 4.14
C CYS A 14 4.80 -3.56 3.37
N ALA A 15 5.09 -2.51 2.59
CA ALA A 15 6.27 -2.42 1.74
C ALA A 15 6.53 -3.73 0.98
N SER A 16 7.69 -4.36 1.20
CA SER A 16 8.14 -5.53 0.47
C SER A 16 7.32 -6.80 0.75
N GLU A 17 6.17 -6.70 1.42
CA GLU A 17 5.12 -7.69 1.36
C GLU A 17 4.62 -7.73 -0.10
N CYS A 18 4.50 -6.56 -0.74
CA CYS A 18 4.01 -6.45 -2.11
C CYS A 18 4.87 -7.27 -3.06
N PRO A 19 4.30 -8.27 -3.76
CA PRO A 19 5.01 -9.06 -4.76
C PRO A 19 5.86 -8.23 -5.71
N VAL A 20 5.41 -7.04 -6.10
CA VAL A 20 6.12 -6.21 -7.08
C VAL A 20 6.79 -5.00 -6.40
N ASN A 21 6.75 -4.91 -5.07
CA ASN A 21 7.27 -3.78 -4.31
C ASN A 21 6.81 -2.44 -4.91
N ALA A 22 5.51 -2.32 -5.20
CA ALA A 22 4.89 -1.09 -5.66
C ALA A 22 4.84 -0.02 -4.56
N ILE A 23 5.13 -0.42 -3.32
CA ILE A 23 4.94 0.38 -2.12
C ILE A 23 6.27 1.01 -1.68
N SER A 24 6.21 2.24 -1.14
CA SER A 24 7.23 2.89 -0.35
C SER A 24 6.61 4.13 0.31
N GLN A 25 7.32 4.78 1.23
CA GLN A 25 6.87 6.03 1.82
C GLN A 25 6.85 7.10 0.73
N GLY A 26 5.74 7.84 0.61
CA GLY A 26 5.54 8.81 -0.45
C GLY A 26 5.77 10.22 0.04
N ASP A 27 4.74 10.82 0.64
CA ASP A 27 4.73 12.20 1.10
C ASP A 27 5.00 12.21 2.60
N SER A 28 4.21 11.43 3.32
CA SER A 28 4.12 11.36 4.76
C SER A 28 3.94 9.89 5.12
N ILE A 29 2.91 9.27 4.57
CA ILE A 29 2.60 7.87 4.77
C ILE A 29 3.09 7.05 3.58
N PHE A 30 2.54 5.84 3.38
CA PHE A 30 2.95 4.97 2.30
C PHE A 30 2.09 5.16 1.07
N VAL A 31 2.69 4.93 -0.11
CA VAL A 31 2.15 5.19 -1.41
C VAL A 31 2.43 3.97 -2.29
N ILE A 32 1.44 3.56 -3.08
CA ILE A 32 1.50 2.55 -4.11
C ILE A 32 1.71 3.22 -5.48
N ASP A 33 2.60 2.68 -6.31
CA ASP A 33 2.54 2.88 -7.74
C ASP A 33 1.28 2.18 -8.25
N ALA A 34 0.20 2.90 -8.54
CA ALA A 34 -1.01 2.23 -9.00
C ALA A 34 -0.83 1.55 -10.35
N ASP A 35 -0.01 2.14 -11.23
CA ASP A 35 0.33 1.56 -12.52
C ASP A 35 1.00 0.20 -12.34
N THR A 36 1.85 0.09 -11.31
CA THR A 36 2.62 -1.10 -10.98
C THR A 36 1.73 -2.11 -10.24
N CYS A 37 0.90 -1.65 -9.29
CA CYS A 37 0.02 -2.55 -8.53
C CYS A 37 -0.89 -3.37 -9.46
N ILE A 38 -0.72 -4.69 -9.47
CA ILE A 38 -1.49 -5.58 -10.34
C ILE A 38 -2.90 -5.89 -9.81
N ASP A 39 -3.26 -5.34 -8.64
CA ASP A 39 -4.54 -5.50 -7.96
C ASP A 39 -4.68 -6.94 -7.44
N CYS A 40 -4.03 -7.23 -6.31
CA CYS A 40 -3.78 -8.59 -5.85
C CYS A 40 -4.40 -8.94 -4.49
N GLY A 41 -4.53 -8.00 -3.55
CA GLY A 41 -5.15 -8.24 -2.24
C GLY A 41 -4.11 -8.35 -1.12
N ASN A 42 -2.95 -8.94 -1.41
CA ASN A 42 -1.78 -8.76 -0.55
C ASN A 42 -1.53 -7.26 -0.39
N CYS A 43 -0.73 -6.87 0.60
CA CYS A 43 -0.77 -5.58 1.27
C CYS A 43 -2.11 -5.31 1.96
N ALA A 44 -3.26 -5.37 1.25
CA ALA A 44 -4.53 -5.00 1.85
C ALA A 44 -4.85 -5.94 3.00
N ASN A 45 -4.54 -7.22 2.82
CA ASN A 45 -4.72 -8.24 3.85
C ASN A 45 -3.83 -8.00 5.07
N VAL A 46 -2.65 -7.38 4.92
CA VAL A 46 -1.72 -7.23 6.05
C VAL A 46 -2.01 -5.97 6.84
N CYS A 47 -2.36 -4.88 6.15
CA CYS A 47 -2.37 -3.55 6.75
C CYS A 47 -3.22 -3.48 8.04
N PRO A 48 -2.62 -3.16 9.20
CA PRO A 48 -3.32 -3.02 10.47
C PRO A 48 -4.64 -2.25 10.38
N VAL A 49 -4.67 -1.19 9.56
CA VAL A 49 -5.82 -0.30 9.40
C VAL A 49 -6.42 -0.35 7.99
N GLY A 50 -6.12 -1.40 7.20
CA GLY A 50 -6.74 -1.62 5.90
C GLY A 50 -6.69 -0.39 4.97
N ALA A 51 -5.56 0.30 4.94
CA ALA A 51 -5.31 1.50 4.17
C ALA A 51 -5.00 1.27 2.68
N PRO A 52 -4.52 0.08 2.25
CA PRO A 52 -4.47 -0.27 0.84
C PRO A 52 -5.90 -0.31 0.27
N VAL A 53 -6.39 0.87 -0.13
CA VAL A 53 -7.72 1.18 -0.59
C VAL A 53 -7.56 2.48 -1.37
N GLN A 54 -8.56 2.64 -2.24
CA GLN A 54 -8.45 3.03 -3.63
C GLN A 54 -8.54 4.53 -3.89
N GLU A 55 -7.96 4.91 -5.03
CA GLU A 55 -8.43 5.98 -5.90
C GLU A 55 -8.42 5.35 -7.29
FE1 SF4 B . 0.31 2.14 5.72
FE2 SF4 B . 1.35 0.38 7.43
FE3 SF4 B . 1.24 -0.20 4.89
FE4 SF4 B . -0.95 -0.09 6.30
S1 SF4 B . 0.69 -1.51 6.53
S2 SF4 B . -0.66 0.78 4.29
S3 SF4 B . -0.50 1.56 7.70
S4 SF4 B . 2.43 1.41 5.83
FE1 SF4 C . -0.99 -4.04 -5.26
FE2 SF4 C . -0.84 -6.48 -4.31
FE3 SF4 C . -0.75 -4.41 -2.67
FE4 SF4 C . 1.28 -4.96 -4.26
S1 SF4 C . 0.53 -6.18 -2.63
S2 SF4 C . 0.39 -2.96 -3.92
S3 SF4 C . 0.24 -5.69 -6.08
S4 SF4 C . -2.46 -5.03 -3.94
N ALA A 1 -5.23 -0.38 -9.74
CA ALA A 1 -4.39 -0.61 -8.56
C ALA A 1 -5.28 -0.49 -7.33
N TYR A 2 -4.77 -0.85 -6.15
CA TYR A 2 -5.28 -0.26 -4.93
C TYR A 2 -4.66 1.14 -4.84
N LYS A 3 -4.93 1.89 -3.77
CA LYS A 3 -3.87 2.77 -3.32
C LYS A 3 -3.61 2.28 -1.91
N ILE A 4 -2.53 2.74 -1.30
CA ILE A 4 -2.60 2.89 0.12
C ILE A 4 -3.33 4.21 0.34
N ALA A 5 -4.61 4.17 0.75
CA ALA A 5 -5.32 5.41 0.99
C ALA A 5 -4.90 6.05 2.30
N ASP A 6 -5.24 7.34 2.43
CA ASP A 6 -4.97 8.25 3.53
C ASP A 6 -5.20 7.66 4.93
N SER A 7 -6.03 6.62 5.04
CA SER A 7 -6.15 5.81 6.25
C SER A 7 -4.80 5.30 6.79
N CYS A 8 -3.80 5.18 5.93
CA CYS A 8 -2.45 4.71 6.24
C CYS A 8 -1.78 5.57 7.32
N VAL A 9 -0.77 5.03 8.01
CA VAL A 9 0.18 5.77 8.81
C VAL A 9 1.56 5.31 8.36
N SER A 10 2.62 6.08 8.64
CA SER A 10 3.99 5.80 8.22
C SER A 10 4.57 4.54 8.90
N CYS A 11 4.00 3.36 8.64
CA CYS A 11 4.23 2.14 9.41
C CYS A 11 5.13 1.14 8.67
N GLY A 12 5.03 1.11 7.34
CA GLY A 12 5.89 0.32 6.47
C GLY A 12 5.77 -1.19 6.65
N ALA A 13 4.73 -1.67 7.33
CA ALA A 13 4.54 -3.08 7.63
C ALA A 13 4.17 -3.87 6.38
N CYS A 14 3.44 -3.26 5.44
CA CYS A 14 3.20 -3.84 4.13
C CYS A 14 4.50 -3.72 3.31
N ALA A 15 4.73 -2.65 2.53
CA ALA A 15 5.93 -2.48 1.73
C ALA A 15 6.32 -3.76 0.99
N SER A 16 7.42 -4.40 1.39
CA SER A 16 7.93 -5.57 0.69
C SER A 16 7.03 -6.80 0.76
N GLU A 17 5.92 -6.76 1.53
CA GLU A 17 4.84 -7.71 1.41
C GLU A 17 4.36 -7.77 -0.05
N CYS A 18 4.32 -6.61 -0.72
CA CYS A 18 3.83 -6.52 -2.09
C CYS A 18 4.63 -7.44 -3.03
N PRO A 19 4.00 -8.39 -3.74
CA PRO A 19 4.67 -9.24 -4.73
C PRO A 19 5.62 -8.48 -5.65
N VAL A 20 5.24 -7.26 -6.08
CA VAL A 20 6.06 -6.46 -6.99
C VAL A 20 6.84 -5.37 -6.23
N ASN A 21 6.71 -5.31 -4.89
CA ASN A 21 7.38 -4.34 -4.04
C ASN A 21 7.11 -2.90 -4.50
N ALA A 22 5.90 -2.67 -5.04
CA ALA A 22 5.49 -1.41 -5.64
C ALA A 22 5.05 -0.37 -4.61
N ILE A 23 5.75 -0.32 -3.47
CA ILE A 23 5.42 0.54 -2.35
C ILE A 23 6.69 1.25 -1.86
N SER A 24 6.52 2.46 -1.30
CA SER A 24 7.46 3.19 -0.49
C SER A 24 6.71 4.34 0.17
N GLN A 25 7.36 5.07 1.09
CA GLN A 25 6.78 6.26 1.67
C GLN A 25 6.64 7.32 0.58
N GLY A 26 5.44 7.88 0.42
CA GLY A 26 5.16 8.81 -0.65
C GLY A 26 5.41 10.24 -0.17
N ASP A 27 4.42 10.79 0.52
CA ASP A 27 4.43 12.15 1.03
C ASP A 27 4.81 12.10 2.52
N SER A 28 4.06 11.31 3.27
CA SER A 28 4.14 11.13 4.70
C SER A 28 3.92 9.65 5.00
N ILE A 29 2.81 9.10 4.50
CA ILE A 29 2.46 7.71 4.70
C ILE A 29 2.99 6.84 3.54
N PHE A 30 2.63 5.56 3.54
CA PHE A 30 3.03 4.68 2.45
C PHE A 30 2.11 4.84 1.24
N VAL A 31 2.71 4.76 0.05
CA VAL A 31 2.08 4.97 -1.23
C VAL A 31 2.38 3.77 -2.13
N ILE A 32 1.51 3.52 -3.11
CA ILE A 32 1.63 2.46 -4.11
C ILE A 32 1.99 3.09 -5.46
N ASP A 33 2.87 2.48 -6.25
CA ASP A 33 3.09 2.87 -7.63
C ASP A 33 1.93 2.31 -8.45
N ALA A 34 0.86 3.06 -8.64
CA ALA A 34 -0.37 2.50 -9.21
C ALA A 34 -0.18 1.86 -10.59
N ASP A 35 0.66 2.45 -11.44
CA ASP A 35 1.02 1.91 -12.74
C ASP A 35 1.56 0.48 -12.59
N THR A 36 2.30 0.27 -11.51
CA THR A 36 2.99 -0.97 -11.18
C THR A 36 2.03 -1.96 -10.50
N CYS A 37 1.27 -1.51 -9.49
CA CYS A 37 0.37 -2.38 -8.75
C CYS A 37 -0.66 -3.07 -9.67
N ILE A 38 -0.69 -4.41 -9.65
CA ILE A 38 -1.54 -5.22 -10.50
C ILE A 38 -2.91 -5.51 -9.85
N ASP A 39 -3.35 -4.67 -8.92
CA ASP A 39 -4.65 -4.73 -8.24
C ASP A 39 -4.86 -6.08 -7.53
N CYS A 40 -3.80 -6.62 -6.92
CA CYS A 40 -3.81 -7.98 -6.39
C CYS A 40 -4.47 -8.10 -5.01
N GLY A 41 -4.76 -6.97 -4.36
CA GLY A 41 -5.34 -6.91 -3.02
C GLY A 41 -4.36 -7.20 -1.87
N ASN A 42 -3.38 -8.09 -2.10
CA ASN A 42 -2.70 -8.83 -1.03
C ASN A 42 -2.21 -7.96 0.13
N CYS A 43 -1.55 -6.82 -0.15
CA CYS A 43 -1.03 -5.89 0.85
C CYS A 43 -2.04 -5.56 1.94
N ALA A 44 -3.34 -5.55 1.63
CA ALA A 44 -4.40 -5.37 2.61
C ALA A 44 -4.21 -6.28 3.84
N ASN A 45 -3.85 -7.55 3.62
CA ASN A 45 -3.86 -8.59 4.64
C ASN A 45 -3.16 -8.18 5.94
N VAL A 46 -2.03 -7.48 5.84
CA VAL A 46 -1.23 -7.15 7.01
C VAL A 46 -1.77 -5.92 7.75
N CYS A 47 -2.49 -5.03 7.06
CA CYS A 47 -2.53 -3.63 7.48
C CYS A 47 -3.33 -3.44 8.77
N PRO A 48 -2.72 -2.92 9.86
CA PRO A 48 -3.39 -2.62 11.11
C PRO A 48 -4.74 -1.91 10.94
N VAL A 49 -4.83 -0.97 10.00
CA VAL A 49 -5.99 -0.10 9.81
C VAL A 49 -6.64 -0.29 8.43
N GLY A 50 -6.32 -1.37 7.71
CA GLY A 50 -6.94 -1.68 6.43
C GLY A 50 -6.92 -0.49 5.45
N ALA A 51 -5.73 0.07 5.23
CA ALA A 51 -5.46 1.25 4.41
C ALA A 51 -5.05 0.95 2.96
N PRO A 52 -4.52 -0.24 2.61
CA PRO A 52 -4.43 -0.67 1.23
C PRO A 52 -5.86 -0.79 0.70
N VAL A 53 -6.36 0.30 0.14
CA VAL A 53 -7.73 0.52 -0.28
C VAL A 53 -7.64 1.71 -1.21
N GLN A 54 -8.63 1.69 -2.11
CA GLN A 54 -8.47 1.82 -3.56
C GLN A 54 -8.56 3.28 -4.00
N GLU A 55 -8.33 3.47 -5.29
CA GLU A 55 -7.90 4.72 -5.90
C GLU A 55 -9.07 5.70 -5.99
FE1 SF4 B . 0.12 1.95 5.71
FE2 SF4 B . 1.21 0.27 7.44
FE3 SF4 B . 0.93 -0.46 4.91
FE4 SF4 B . -1.15 -0.23 6.49
S1 SF4 B . 0.49 -1.67 6.68
S2 SF4 B . -0.99 0.55 4.43
S3 SF4 B . -0.59 1.49 7.76
S4 SF4 B . 2.21 1.16 5.69
FE1 SF4 C . -0.86 -3.88 -5.47
FE2 SF4 C . -0.87 -6.37 -4.65
FE3 SF4 C . -0.82 -4.41 -2.92
FE4 SF4 C . 1.28 -4.95 -4.39
S1 SF4 C . 0.38 -6.23 -2.88
S2 SF4 C . 0.46 -2.94 -3.97
S3 SF4 C . 0.34 -5.55 -6.30
S4 SF4 C . -2.44 -4.87 -4.32
N ALA A 1 -6.13 -0.67 -9.18
CA ALA A 1 -5.12 -0.85 -8.13
C ALA A 1 -5.84 -0.80 -6.80
N TYR A 2 -5.13 -0.40 -5.75
CA TYR A 2 -5.68 0.26 -4.58
C TYR A 2 -5.10 1.66 -4.64
N LYS A 3 -5.41 2.53 -3.66
CA LYS A 3 -4.35 3.45 -3.29
C LYS A 3 -4.00 2.99 -1.90
N ILE A 4 -2.91 3.47 -1.36
CA ILE A 4 -2.86 3.54 0.08
C ILE A 4 -3.64 4.81 0.46
N ALA A 5 -4.83 4.64 1.06
CA ALA A 5 -5.58 5.79 1.54
C ALA A 5 -4.99 6.35 2.84
N ASP A 6 -5.44 7.56 3.18
CA ASP A 6 -4.93 8.37 4.27
C ASP A 6 -4.96 7.67 5.64
N SER A 7 -5.80 6.64 5.79
CA SER A 7 -5.81 5.83 6.99
C SER A 7 -4.43 5.23 7.33
N CYS A 8 -3.55 5.12 6.33
CA CYS A 8 -2.24 4.46 6.39
C CYS A 8 -1.38 4.84 7.62
N VAL A 9 -0.82 6.04 7.69
CA VAL A 9 0.27 6.41 8.60
C VAL A 9 1.58 5.70 8.24
N SER A 10 2.72 6.29 8.62
CA SER A 10 4.05 5.76 8.38
C SER A 10 4.34 4.45 9.16
N CYS A 11 3.53 3.40 8.99
CA CYS A 11 3.57 2.23 9.86
C CYS A 11 4.66 1.21 9.45
N GLY A 12 4.87 1.00 8.15
CA GLY A 12 5.89 0.10 7.61
C GLY A 12 5.33 -1.23 7.12
N ALA A 13 6.19 -2.25 7.09
CA ALA A 13 5.90 -3.63 6.72
C ALA A 13 5.51 -3.80 5.24
N CYS A 14 4.33 -3.32 4.86
CA CYS A 14 3.65 -3.72 3.63
C CYS A 14 4.48 -3.50 2.36
N ALA A 15 5.38 -2.50 2.37
CA ALA A 15 6.42 -2.32 1.38
C ALA A 15 7.04 -3.64 0.92
N SER A 16 7.44 -4.49 1.87
CA SER A 16 8.05 -5.78 1.58
C SER A 16 7.03 -6.88 1.35
N GLU A 17 5.77 -6.66 1.74
CA GLU A 17 4.68 -7.60 1.62
C GLU A 17 4.19 -7.66 0.17
N CYS A 18 4.16 -6.51 -0.50
CA CYS A 18 3.74 -6.46 -1.90
C CYS A 18 4.62 -7.39 -2.76
N PRO A 19 4.06 -8.41 -3.43
CA PRO A 19 4.81 -9.28 -4.33
C PRO A 19 5.68 -8.52 -5.34
N VAL A 20 5.21 -7.35 -5.81
CA VAL A 20 5.93 -6.57 -6.80
C VAL A 20 6.64 -5.37 -6.15
N ASN A 21 6.62 -5.26 -4.81
CA ASN A 21 7.25 -4.20 -4.04
C ASN A 21 6.80 -2.81 -4.53
N ALA A 22 5.57 -2.71 -5.04
CA ALA A 22 5.01 -1.49 -5.64
C ALA A 22 4.52 -0.52 -4.57
N ILE A 23 5.26 -0.42 -3.45
CA ILE A 23 4.92 0.38 -2.29
C ILE A 23 6.20 1.00 -1.76
N SER A 24 6.13 2.22 -1.21
CA SER A 24 7.14 2.86 -0.41
C SER A 24 6.56 4.09 0.28
N GLN A 25 7.25 4.60 1.31
CA GLN A 25 6.88 5.84 1.97
C GLN A 25 7.11 6.99 0.99
N GLY A 26 6.04 7.70 0.62
CA GLY A 26 6.06 8.58 -0.54
C GLY A 26 6.19 10.05 -0.11
N ASP A 27 5.08 10.62 0.35
CA ASP A 27 4.96 12.03 0.68
C ASP A 27 4.85 12.14 2.20
N SER A 28 3.70 11.70 2.71
CA SER A 28 3.41 11.67 4.13
C SER A 28 3.49 10.22 4.61
N ILE A 29 2.65 9.36 4.05
CA ILE A 29 2.50 7.97 4.46
C ILE A 29 3.02 7.03 3.38
N PHE A 30 2.61 5.76 3.41
CA PHE A 30 2.96 4.86 2.32
C PHE A 30 2.09 5.15 1.09
N VAL A 31 2.69 5.00 -0.08
CA VAL A 31 2.11 5.24 -1.39
C VAL A 31 2.32 3.96 -2.18
N ILE A 32 1.43 3.68 -3.14
CA ILE A 32 1.53 2.55 -4.05
C ILE A 32 1.95 3.11 -5.41
N ASP A 33 2.82 2.42 -6.14
CA ASP A 33 3.00 2.67 -7.54
C ASP A 33 1.77 2.09 -8.24
N ALA A 34 0.62 2.77 -8.14
CA ALA A 34 -0.67 2.24 -8.59
C ALA A 34 -0.67 1.81 -10.06
N ASP A 35 0.10 2.52 -10.89
CA ASP A 35 0.49 2.15 -12.23
C ASP A 35 0.89 0.67 -12.34
N THR A 36 1.71 0.28 -11.38
CA THR A 36 2.53 -0.91 -11.33
C THR A 36 1.94 -1.98 -10.40
N CYS A 37 1.16 -1.62 -9.38
CA CYS A 37 0.34 -2.57 -8.61
C CYS A 37 -0.40 -3.52 -9.56
N ILE A 38 -0.15 -4.84 -9.47
CA ILE A 38 -0.79 -5.84 -10.32
C ILE A 38 -2.20 -6.19 -9.83
N ASP A 39 -2.92 -5.21 -9.27
CA ASP A 39 -4.23 -5.30 -8.63
C ASP A 39 -4.50 -6.67 -7.99
N CYS A 40 -3.69 -7.01 -6.98
CA CYS A 40 -3.86 -8.20 -6.15
C CYS A 40 -4.57 -7.81 -4.85
N GLY A 41 -4.24 -8.35 -3.68
CA GLY A 41 -4.74 -7.79 -2.42
C GLY A 41 -3.87 -8.07 -1.21
N ASN A 42 -2.63 -8.60 -1.36
CA ASN A 42 -1.86 -9.02 -0.20
C ASN A 42 -1.71 -7.88 0.80
N CYS A 43 -1.33 -6.70 0.32
CA CYS A 43 -1.15 -5.52 1.13
C CYS A 43 -2.45 -5.19 1.89
N ALA A 44 -3.60 -5.26 1.22
CA ALA A 44 -4.87 -5.00 1.86
C ALA A 44 -5.10 -6.03 2.97
N ASN A 45 -4.73 -7.29 2.70
CA ASN A 45 -4.74 -8.36 3.69
C ASN A 45 -3.84 -8.03 4.91
N VAL A 46 -2.58 -7.64 4.70
CA VAL A 46 -1.67 -7.44 5.84
C VAL A 46 -2.05 -6.20 6.68
N CYS A 47 -2.46 -5.11 6.01
CA CYS A 47 -2.48 -3.79 6.63
C CYS A 47 -3.29 -3.74 7.93
N PRO A 48 -2.69 -3.35 9.07
CA PRO A 48 -3.37 -3.36 10.36
C PRO A 48 -4.57 -2.41 10.38
N VAL A 49 -4.49 -1.30 9.63
CA VAL A 49 -5.54 -0.27 9.59
C VAL A 49 -6.30 -0.29 8.25
N GLY A 50 -6.10 -1.33 7.41
CA GLY A 50 -6.80 -1.49 6.14
C GLY A 50 -6.81 -0.21 5.30
N ALA A 51 -5.62 0.21 4.88
CA ALA A 51 -5.35 1.44 4.17
C ALA A 51 -5.02 1.23 2.68
N PRO A 52 -4.45 0.10 2.23
CA PRO A 52 -4.42 -0.27 0.82
C PRO A 52 -5.85 -0.44 0.33
N VAL A 53 -6.49 0.69 0.07
CA VAL A 53 -7.89 0.89 -0.20
C VAL A 53 -7.94 2.22 -0.94
N GLN A 54 -9.03 2.27 -1.73
CA GLN A 54 -9.00 2.29 -3.18
C GLN A 54 -8.99 3.69 -3.74
N GLU A 55 -8.84 3.81 -5.06
CA GLU A 55 -8.50 5.04 -5.75
C GLU A 55 -9.71 5.97 -5.78
FE1 SF4 B . 0.25 1.96 5.56
FE2 SF4 B . 1.14 0.25 7.37
FE3 SF4 B . 1.27 -0.34 4.81
FE4 SF4 B . -1.02 -0.30 6.09
S1 SF4 B . 0.64 -1.68 6.44
S2 SF4 B . -0.61 0.56 4.08
S3 SF4 B . -0.72 1.36 7.43
S4 SF4 B . 2.34 1.29 5.84
FE1 SF4 C . -1.01 -4.19 -5.48
FE2 SF4 C . -0.90 -6.65 -4.53
FE3 SF4 C . -1.01 -4.60 -2.89
FE4 SF4 C . 1.16 -5.09 -4.27
S1 SF4 C . 0.27 -6.35 -2.71
S2 SF4 C . 0.21 -3.11 -3.98
S3 SF4 C . 0.31 -5.82 -6.18
S4 SF4 C . -2.56 -5.24 -4.30
N ALA A 1 -4.69 -0.95 -9.34
CA ALA A 1 -4.28 -0.53 -8.00
C ALA A 1 -5.45 -0.04 -7.16
N TYR A 2 -5.34 -0.25 -5.85
CA TYR A 2 -5.93 0.61 -4.83
C TYR A 2 -5.21 1.96 -4.85
N LYS A 3 -5.33 2.71 -3.77
CA LYS A 3 -4.20 3.54 -3.41
C LYS A 3 -3.84 3.09 -2.01
N ILE A 4 -2.80 3.68 -1.45
CA ILE A 4 -2.75 3.79 -0.02
C ILE A 4 -3.68 4.96 0.35
N ALA A 5 -4.85 4.69 0.92
CA ALA A 5 -5.67 5.76 1.46
C ALA A 5 -5.13 6.26 2.80
N ASP A 6 -5.67 7.40 3.23
CA ASP A 6 -5.26 8.17 4.40
C ASP A 6 -5.40 7.39 5.72
N SER A 7 -6.04 6.22 5.73
CA SER A 7 -5.97 5.30 6.85
C SER A 7 -4.52 4.89 7.16
N CYS A 8 -3.62 4.96 6.17
CA CYS A 8 -2.20 4.65 6.34
C CYS A 8 -1.54 5.63 7.33
N VAL A 9 -0.40 5.24 7.92
CA VAL A 9 0.43 6.11 8.74
C VAL A 9 1.89 5.85 8.34
N SER A 10 2.85 6.48 9.02
CA SER A 10 4.25 6.12 8.88
C SER A 10 4.51 4.78 9.58
N CYS A 11 3.89 3.71 9.09
CA CYS A 11 4.07 2.33 9.55
C CYS A 11 4.96 1.61 8.53
N GLY A 12 5.36 0.35 8.77
CA GLY A 12 6.23 -0.38 7.85
C GLY A 12 5.90 -1.86 7.86
N ALA A 13 4.60 -2.19 7.95
CA ALA A 13 4.11 -3.55 8.05
C ALA A 13 3.83 -4.18 6.68
N CYS A 14 3.74 -3.37 5.61
CA CYS A 14 3.57 -3.86 4.25
C CYS A 14 4.91 -3.83 3.47
N ALA A 15 5.23 -2.79 2.68
CA ALA A 15 6.42 -2.68 1.84
C ALA A 15 6.80 -3.99 1.14
N SER A 16 7.79 -4.71 1.68
CA SER A 16 8.27 -5.99 1.18
C SER A 16 7.14 -6.99 0.90
N GLU A 17 6.04 -6.88 1.66
CA GLU A 17 4.84 -7.66 1.46
C GLU A 17 4.32 -7.59 0.02
N CYS A 18 4.49 -6.45 -0.67
CA CYS A 18 4.04 -6.36 -2.04
C CYS A 18 4.83 -7.35 -2.92
N PRO A 19 4.18 -8.33 -3.58
CA PRO A 19 4.85 -9.26 -4.48
C PRO A 19 5.76 -8.56 -5.50
N VAL A 20 5.41 -7.33 -5.93
CA VAL A 20 6.18 -6.59 -6.91
C VAL A 20 6.86 -5.37 -6.27
N ASN A 21 7.02 -5.37 -4.93
CA ASN A 21 7.71 -4.35 -4.13
C ASN A 21 7.27 -2.92 -4.44
N ALA A 22 6.07 -2.74 -4.99
CA ALA A 22 5.61 -1.51 -5.60
C ALA A 22 5.03 -0.55 -4.55
N ILE A 23 5.72 -0.41 -3.41
CA ILE A 23 5.27 0.37 -2.26
C ILE A 23 6.50 1.03 -1.63
N SER A 24 6.34 2.23 -1.06
CA SER A 24 7.26 2.92 -0.20
C SER A 24 6.58 4.14 0.41
N GLN A 25 7.23 4.77 1.40
CA GLN A 25 6.78 6.03 1.96
C GLN A 25 6.93 7.11 0.89
N GLY A 26 5.84 7.83 0.59
CA GLY A 26 5.77 8.72 -0.56
C GLY A 26 5.83 10.18 -0.15
N ASP A 27 4.68 10.74 0.22
CA ASP A 27 4.48 12.16 0.45
C ASP A 27 4.47 12.41 1.96
N SER A 28 3.69 11.58 2.66
CA SER A 28 3.42 11.66 4.08
C SER A 28 3.41 10.22 4.60
N ILE A 29 2.50 9.42 4.04
CA ILE A 29 2.33 8.03 4.41
C ILE A 29 2.92 7.13 3.32
N PHE A 30 2.44 5.89 3.20
CA PHE A 30 2.87 5.01 2.12
C PHE A 30 2.11 5.31 0.84
N VAL A 31 2.70 4.95 -0.30
CA VAL A 31 2.18 5.16 -1.63
C VAL A 31 2.54 3.92 -2.44
N ILE A 32 1.84 3.72 -3.57
CA ILE A 32 1.99 2.56 -4.45
C ILE A 32 2.41 3.07 -5.83
N ASP A 33 3.22 2.32 -6.58
CA ASP A 33 3.42 2.57 -7.98
C ASP A 33 2.14 2.12 -8.70
N ALA A 34 1.09 2.92 -8.62
CA ALA A 34 -0.25 2.50 -9.03
C ALA A 34 -0.30 1.95 -10.46
N ASP A 35 0.49 2.50 -11.37
CA ASP A 35 0.62 2.06 -12.75
C ASP A 35 1.05 0.59 -12.80
N THR A 36 1.93 0.21 -11.86
CA THR A 36 2.42 -1.13 -11.66
C THR A 36 1.41 -1.98 -10.88
N CYS A 37 0.89 -1.47 -9.76
CA CYS A 37 0.01 -2.26 -8.88
C CYS A 37 -1.28 -2.72 -9.57
N ILE A 38 -1.37 -4.04 -9.78
CA ILE A 38 -2.64 -4.74 -9.94
C ILE A 38 -3.19 -5.05 -8.56
N ASP A 39 -4.52 -4.96 -8.40
CA ASP A 39 -5.28 -5.12 -7.16
C ASP A 39 -5.18 -6.56 -6.60
N CYS A 40 -3.97 -7.02 -6.28
CA CYS A 40 -3.68 -8.42 -6.01
C CYS A 40 -4.13 -8.86 -4.60
N GLY A 41 -4.18 -7.93 -3.64
CA GLY A 41 -4.78 -8.14 -2.34
C GLY A 41 -3.80 -8.16 -1.18
N ASN A 42 -2.57 -8.66 -1.35
CA ASN A 42 -1.75 -9.04 -0.19
C ASN A 42 -1.60 -7.87 0.80
N CYS A 43 -1.10 -6.73 0.32
CA CYS A 43 -0.93 -5.55 1.14
C CYS A 43 -2.23 -5.17 1.88
N ALA A 44 -3.37 -5.24 1.18
CA ALA A 44 -4.65 -4.93 1.78
C ALA A 44 -4.98 -5.92 2.91
N ASN A 45 -4.56 -7.17 2.76
CA ASN A 45 -4.74 -8.18 3.80
C ASN A 45 -3.83 -7.90 4.99
N VAL A 46 -2.54 -7.61 4.75
CA VAL A 46 -1.62 -7.43 5.87
C VAL A 46 -1.90 -6.15 6.66
N CYS A 47 -2.28 -5.06 5.98
CA CYS A 47 -2.35 -3.75 6.62
C CYS A 47 -3.26 -3.75 7.85
N PRO A 48 -2.74 -3.43 9.05
CA PRO A 48 -3.50 -3.53 10.29
C PRO A 48 -4.76 -2.65 10.28
N VAL A 49 -4.76 -1.57 9.49
CA VAL A 49 -5.89 -0.66 9.38
C VAL A 49 -6.40 -0.56 7.94
N GLY A 50 -6.16 -1.59 7.11
CA GLY A 50 -6.72 -1.70 5.77
C GLY A 50 -6.67 -0.40 4.99
N ALA A 51 -5.45 0.09 4.74
CA ALA A 51 -5.16 1.36 4.09
C ALA A 51 -4.80 1.22 2.61
N PRO A 52 -4.25 0.08 2.12
CA PRO A 52 -4.21 -0.23 0.71
C PRO A 52 -5.65 -0.41 0.22
N VAL A 53 -6.32 0.72 -0.03
CA VAL A 53 -7.72 0.87 -0.29
C VAL A 53 -7.83 2.20 -1.04
N GLN A 54 -8.86 2.15 -1.89
CA GLN A 54 -8.90 2.56 -3.28
C GLN A 54 -9.34 4.00 -3.54
N GLU A 55 -8.87 4.52 -4.66
CA GLU A 55 -9.58 5.45 -5.52
C GLU A 55 -9.39 4.88 -6.92
FE1 SF4 B . 0.37 1.98 5.58
FE2 SF4 B . 1.34 0.30 7.38
FE3 SF4 B . 1.33 -0.40 4.84
FE4 SF4 B . -0.91 -0.24 6.20
S1 SF4 B . 0.74 -1.64 6.54
S2 SF4 B . -0.55 0.56 4.17
S3 SF4 B . -0.52 1.47 7.54
S4 SF4 B . 2.48 1.26 5.77
FE1 SF4 C . -0.72 -3.85 -5.36
FE2 SF4 C . -0.66 -6.40 -4.59
FE3 SF4 C . -0.72 -4.46 -2.85
FE4 SF4 C . 1.45 -4.92 -4.29
S1 SF4 C . 0.53 -6.23 -2.78
S2 SF4 C . 0.56 -2.95 -3.82
S3 SF4 C . 0.54 -5.48 -6.23
S4 SF4 C . -2.30 -4.97 -4.27
#